data_4AZJ
#
_entry.id   4AZJ
#
_cell.length_a   104.692
_cell.length_b   136.194
_cell.length_c   151.283
_cell.angle_alpha   90.00
_cell.angle_beta   90.00
_cell.angle_gamma   90.00
#
_symmetry.space_group_name_H-M   'C 2 2 21'
#
loop_
_entity.id
_entity.type
_entity.pdbx_description
1 polymer 'PHOSPHOSERINE AMINOTRANSFERASE'
2 non-polymer PHOSPHOSERINE
3 non-polymer "PYRIDOXAL-5'-PHOSPHATE"
4 non-polymer 'CHLORIDE ION'
5 non-polymer 'SODIUM ION'
6 water water
#
_entity_poly.entity_id   1
_entity_poly.type   'polypeptide(L)'
_entity_poly.pdbx_seq_one_letter_code
;VKQVFNFNAGPSALPKPALERAQKELLNFNDTQMSVMELSHRSQSYEEVHEQAQNLLRELLQIPNDYQILFLQGGASLQF
TMLPMNLLTKGTIGNYVLTGSWSEKALKEAKLLGETHIAASTKANSYQSIPDFSEFQLNENDAYLHITSNNTIYGTQYQN
FPEINHAPLIADMSSDILSRPLKVNQFGMIYAGAQKNLGPSGVTVVIVKKDLLNTKVEQVPTMLQYATHIKSDSLYNTPP
TFSIYMLRNVLDWIKDLGGAEAIAKQNEEKAKIIYDTIDESNGFYVGHAEKGSRSLMNVTFNLRNEELNQQFLAKAKEQG
FVGLNGHRSVGGCRASIYNAVPIDACIALRELMIQFKENA
;
_entity_poly.pdbx_strand_id   A,B
#
# COMPACT_ATOMS: atom_id res chain seq x y z
N VAL A 1 -30.51 14.57 6.03
CA VAL A 1 -29.03 14.58 6.17
C VAL A 1 -28.64 14.56 7.64
N LYS A 2 -27.60 13.80 7.96
CA LYS A 2 -27.09 13.74 9.32
C LYS A 2 -25.79 14.49 9.34
N GLN A 3 -25.54 15.21 10.44
CA GLN A 3 -24.23 15.73 10.75
C GLN A 3 -23.25 14.56 10.76
N VAL A 4 -21.97 14.87 10.68
CA VAL A 4 -20.93 13.85 10.75
C VAL A 4 -20.00 14.15 11.87
N PHE A 5 -19.84 13.19 12.77
CA PHE A 5 -18.85 13.21 13.82
C PHE A 5 -18.01 11.96 13.61
N ASN A 6 -16.83 12.12 13.05
CA ASN A 6 -16.05 10.98 12.57
C ASN A 6 -15.02 10.54 13.62
N PHE A 7 -15.42 9.53 14.39
CA PHE A 7 -14.57 8.94 15.43
C PHE A 7 -13.97 7.62 14.96
N ASN A 8 -13.84 7.45 13.66
CA ASN A 8 -13.25 6.23 13.10
C ASN A 8 -11.83 6.04 13.60
N ALA A 9 -11.49 4.77 13.86
CA ALA A 9 -10.23 4.37 14.49
C ALA A 9 -9.06 4.21 13.51
N GLY A 10 -9.34 4.32 12.22
CA GLY A 10 -8.31 4.16 11.20
C GLY A 10 -8.74 3.20 10.13
N PRO A 11 -8.80 3.66 8.86
CA PRO A 11 -8.68 5.06 8.47
C PRO A 11 -9.62 5.94 9.25
N SER A 12 -9.41 7.23 9.12
CA SER A 12 -9.96 8.18 10.07
C SER A 12 -10.17 9.53 9.42
N ALA A 13 -10.67 10.45 10.22
CA ALA A 13 -10.91 11.80 9.77
C ALA A 13 -9.64 12.43 9.23
N LEU A 14 -9.80 13.17 8.13
CA LEU A 14 -8.71 13.93 7.55
C LEU A 14 -8.99 15.41 7.71
N PRO A 15 -7.93 16.22 7.67
CA PRO A 15 -8.16 17.67 7.70
C PRO A 15 -8.84 18.13 6.44
N LYS A 16 -9.88 18.95 6.54
CA LYS A 16 -10.58 19.40 5.36
CA LYS A 16 -10.58 19.39 5.35
C LYS A 16 -9.65 20.12 4.39
N PRO A 17 -8.71 20.94 4.91
CA PRO A 17 -7.84 21.60 3.92
C PRO A 17 -7.04 20.64 3.06
N ALA A 18 -6.60 19.54 3.64
CA ALA A 18 -5.81 18.56 2.90
C ALA A 18 -6.65 17.89 1.84
N LEU A 19 -7.89 17.60 2.16
CA LEU A 19 -8.80 16.99 1.20
C LEU A 19 -9.18 17.95 0.11
N GLU A 20 -9.50 19.18 0.48
CA GLU A 20 -9.86 20.17 -0.50
C GLU A 20 -8.73 20.46 -1.48
N ARG A 21 -7.51 20.50 -0.96
CA ARG A 21 -6.35 20.73 -1.79
C ARG A 21 -6.20 19.57 -2.78
N ALA A 22 -6.37 18.36 -2.29
CA ALA A 22 -6.30 17.18 -3.14
C ALA A 22 -7.36 17.21 -4.23
N GLN A 23 -8.58 17.58 -3.84
CA GLN A 23 -9.66 17.63 -4.79
C GLN A 23 -9.37 18.63 -5.91
N LYS A 24 -8.93 19.83 -5.53
CA LYS A 24 -8.75 20.91 -6.50
CA LYS A 24 -8.76 20.91 -6.50
C LYS A 24 -7.74 20.53 -7.57
N GLU A 25 -6.71 19.79 -7.20
CA GLU A 25 -5.64 19.54 -8.16
C GLU A 25 -5.60 18.07 -8.60
N LEU A 26 -6.68 17.34 -8.35
CA LEU A 26 -6.68 15.91 -8.66
C LEU A 26 -6.43 15.59 -10.13
N LEU A 27 -6.82 16.48 -11.04
CA LEU A 27 -6.65 16.20 -12.47
C LEU A 27 -5.41 16.85 -13.02
N ASN A 28 -4.88 17.84 -12.34
CA ASN A 28 -3.77 18.64 -12.81
C ASN A 28 -2.90 19.08 -11.66
N PHE A 29 -1.91 18.25 -11.35
CA PHE A 29 -1.03 18.53 -10.23
C PHE A 29 0.15 19.37 -10.70
N ASN A 30 0.36 20.52 -10.05
CA ASN A 30 1.56 21.32 -10.23
C ASN A 30 1.83 21.66 -11.69
N ASP A 31 0.76 21.97 -12.42
CA ASP A 31 0.81 22.37 -13.82
C ASP A 31 1.37 21.30 -14.76
N THR A 32 1.40 20.04 -14.33
CA THR A 32 1.86 18.97 -15.19
C THR A 32 0.81 18.45 -16.16
N GLN A 33 -0.45 18.84 -15.95
CA GLN A 33 -1.60 18.34 -16.68
C GLN A 33 -1.84 16.84 -16.47
N MET A 34 -1.29 16.32 -15.36
CA MET A 34 -1.54 14.95 -14.94
C MET A 34 -1.94 14.98 -13.48
N SER A 35 -2.73 14.01 -13.06
CA SER A 35 -2.92 13.77 -11.64
C SER A 35 -1.61 13.33 -10.98
N VAL A 36 -1.47 13.57 -9.68
CA VAL A 36 -0.35 13.02 -8.97
CA VAL A 36 -0.37 12.98 -8.95
C VAL A 36 -0.37 11.48 -9.13
N MET A 37 -1.57 10.90 -9.31
CA MET A 37 -1.77 9.45 -9.49
C MET A 37 -1.24 8.90 -10.82
N GLU A 38 -0.95 9.81 -11.74
CA GLU A 38 -0.57 9.50 -13.11
C GLU A 38 0.92 9.73 -13.37
N LEU A 39 1.63 10.24 -12.37
CA LEU A 39 3.06 10.48 -12.47
C LEU A 39 3.89 9.23 -12.25
N SER A 40 5.00 9.13 -12.96
CA SER A 40 5.97 8.09 -12.67
C SER A 40 6.67 8.38 -11.35
N HIS A 41 6.88 7.34 -10.54
CA HIS A 41 7.73 7.47 -9.39
C HIS A 41 9.18 7.75 -9.71
N ARG A 42 9.57 7.63 -10.99
CA ARG A 42 10.91 7.93 -11.46
C ARG A 42 11.01 9.36 -12.00
N SER A 43 9.94 10.13 -11.85
CA SER A 43 9.91 11.50 -12.33
C SER A 43 10.33 12.48 -11.25
N GLN A 44 10.91 13.59 -11.68
CA GLN A 44 11.18 14.71 -10.79
C GLN A 44 9.92 15.20 -10.08
N SER A 45 8.79 15.24 -10.80
CA SER A 45 7.56 15.77 -10.23
C SER A 45 7.14 14.96 -9.01
N TYR A 46 7.23 13.63 -9.12
CA TYR A 46 6.92 12.80 -7.97
C TYR A 46 8.01 12.88 -6.90
N GLU A 47 9.27 12.83 -7.30
CA GLU A 47 10.37 12.87 -6.34
C GLU A 47 10.25 14.07 -5.41
N GLU A 48 9.81 15.20 -5.94
CA GLU A 48 9.65 16.43 -5.18
C GLU A 48 8.62 16.25 -4.07
N VAL A 49 7.51 15.58 -4.38
CA VAL A 49 6.47 15.32 -3.38
C VAL A 49 7.00 14.35 -2.31
N HIS A 50 7.65 13.29 -2.73
CA HIS A 50 8.24 12.27 -1.85
C HIS A 50 9.19 12.93 -0.85
N GLU A 51 10.08 13.77 -1.37
CA GLU A 51 11.07 14.46 -0.52
C GLU A 51 10.41 15.48 0.39
N GLN A 52 9.43 16.19 -0.13
CA GLN A 52 8.73 17.16 0.68
C GLN A 52 8.03 16.50 1.87
N ALA A 53 7.39 15.35 1.65
CA ALA A 53 6.75 14.64 2.74
C ALA A 53 7.78 14.27 3.82
N GLN A 54 8.95 13.80 3.41
CA GLN A 54 9.99 13.48 4.37
C GLN A 54 10.44 14.73 5.11
N ASN A 55 10.69 15.80 4.36
CA ASN A 55 11.20 17.02 4.99
C ASN A 55 10.20 17.63 5.96
N LEU A 56 8.90 17.54 5.66
CA LEU A 56 7.89 18.05 6.58
C LEU A 56 7.88 17.23 7.87
N LEU A 57 7.97 15.90 7.77
CA LEU A 57 7.97 15.06 8.93
C LEU A 57 9.20 15.38 9.77
N ARG A 58 10.33 15.58 9.09
CA ARG A 58 11.59 15.86 9.76
C ARG A 58 11.50 17.14 10.58
N GLU A 59 10.98 18.19 9.97
CA GLU A 59 10.81 19.49 10.62
C GLU A 59 9.82 19.36 11.80
N LEU A 60 8.69 18.70 11.57
CA LEU A 60 7.63 18.68 12.56
C LEU A 60 7.97 17.87 13.79
N LEU A 61 8.67 16.75 13.62
CA LEU A 61 9.06 15.90 14.72
C LEU A 61 10.48 16.18 15.19
N GLN A 62 11.19 17.08 14.52
CA GLN A 62 12.58 17.37 14.84
C GLN A 62 13.42 16.11 14.81
N ILE A 63 13.35 15.41 13.67
CA ILE A 63 14.09 14.18 13.48
C ILE A 63 15.56 14.48 13.18
N PRO A 64 16.47 13.90 13.97
CA PRO A 64 17.88 14.19 13.72
C PRO A 64 18.37 13.66 12.39
N ASN A 65 19.47 14.21 11.91
CA ASN A 65 19.98 13.86 10.61
C ASN A 65 20.43 12.42 10.45
N ASP A 66 20.71 11.73 11.54
CA ASP A 66 21.20 10.37 11.39
C ASP A 66 20.04 9.37 11.38
N TYR A 67 18.82 9.91 11.30
CA TYR A 67 17.62 9.09 11.04
C TYR A 67 17.12 9.31 9.61
N GLN A 68 16.61 8.24 9.02
CA GLN A 68 15.98 8.31 7.70
C GLN A 68 14.50 7.97 7.84
N ILE A 69 13.71 8.61 6.98
CA ILE A 69 12.26 8.41 6.92
C ILE A 69 11.95 7.53 5.71
N LEU A 70 11.38 6.36 5.99
CA LEU A 70 10.95 5.44 4.96
C LEU A 70 9.44 5.48 4.81
N PHE A 71 9.02 5.24 3.57
CA PHE A 71 7.61 5.08 3.24
C PHE A 71 7.44 3.71 2.63
N LEU A 72 6.78 2.83 3.35
CA LEU A 72 6.64 1.43 2.98
C LEU A 72 5.19 1.05 2.81
N GLN A 73 4.94 -0.06 2.16
CA GLN A 73 3.61 -0.65 2.09
C GLN A 73 3.47 -1.78 3.09
N GLY A 74 2.22 -2.21 3.33
CA GLY A 74 1.96 -3.41 4.13
C GLY A 74 1.37 -3.16 5.49
N GLY A 75 1.28 -1.90 5.87
CA GLY A 75 0.74 -1.55 7.16
C GLY A 75 1.70 -1.74 8.28
N ALA A 76 1.29 -1.29 9.47
CA ALA A 76 2.05 -1.64 10.65
C ALA A 76 2.15 -3.15 10.80
N SER A 77 1.14 -3.90 10.37
CA SER A 77 1.18 -5.36 10.49
C SER A 77 2.40 -5.96 9.81
N LEU A 78 2.80 -5.44 8.65
CA LEU A 78 3.98 -6.05 8.00
C LEU A 78 5.21 -5.73 8.82
N GLN A 79 5.25 -4.59 9.47
CA GLN A 79 6.38 -4.24 10.32
C GLN A 79 6.53 -5.21 11.49
N PHE A 80 5.43 -5.81 11.93
CA PHE A 80 5.51 -6.78 13.03
C PHE A 80 6.48 -7.91 12.66
N THR A 81 6.49 -8.31 11.39
CA THR A 81 7.40 -9.37 10.95
C THR A 81 8.72 -8.81 10.39
N MET A 82 8.68 -7.69 9.70
N MET A 82 8.67 -7.69 9.69
CA MET A 82 9.89 -7.14 9.11
CA MET A 82 9.90 -7.14 9.13
C MET A 82 10.93 -6.77 10.18
C MET A 82 10.92 -6.85 10.23
N LEU A 83 10.48 -6.25 11.33
CA LEU A 83 11.41 -5.89 12.40
C LEU A 83 12.22 -7.11 12.88
N PRO A 84 11.58 -8.18 13.32
CA PRO A 84 12.38 -9.33 13.77
C PRO A 84 13.13 -9.96 12.63
N MET A 85 12.60 -9.95 11.41
CA MET A 85 13.35 -10.49 10.28
C MET A 85 14.69 -9.82 10.13
N ASN A 86 14.74 -8.53 10.41
CA ASN A 86 15.95 -7.77 10.26
C ASN A 86 16.87 -7.76 11.47
N LEU A 87 16.31 -7.76 12.67
CA LEU A 87 17.15 -7.58 13.85
C LEU A 87 17.25 -8.79 14.76
N LEU A 88 16.31 -9.71 14.69
CA LEU A 88 16.25 -10.84 15.60
C LEU A 88 17.09 -11.96 15.03
N THR A 89 18.34 -11.95 15.41
CA THR A 89 19.32 -12.90 14.89
C THR A 89 19.52 -14.05 15.86
N LYS A 90 20.15 -15.12 15.38
CA LYS A 90 20.42 -16.21 16.27
C LYS A 90 21.27 -15.67 17.42
N GLY A 91 20.93 -16.08 18.61
CA GLY A 91 21.67 -15.66 19.79
C GLY A 91 21.13 -14.42 20.47
N THR A 92 20.16 -13.75 19.85
CA THR A 92 19.55 -12.56 20.49
C THR A 92 18.06 -12.81 20.76
N ILE A 93 17.45 -11.84 21.44
CA ILE A 93 16.10 -11.97 21.97
C ILE A 93 15.27 -10.77 21.56
N GLY A 94 14.07 -11.01 21.05
CA GLY A 94 13.13 -9.95 20.78
C GLY A 94 12.33 -9.72 22.04
N ASN A 95 12.59 -8.60 22.70
CA ASN A 95 11.99 -8.33 24.01
C ASN A 95 10.84 -7.35 23.81
N TYR A 96 9.67 -7.72 24.31
CA TYR A 96 8.42 -6.96 24.11
C TYR A 96 7.80 -6.51 25.41
N VAL A 97 7.29 -5.28 25.42
CA VAL A 97 6.45 -4.80 26.52
C VAL A 97 5.01 -4.92 26.07
N LEU A 98 4.20 -5.71 26.78
CA LEU A 98 2.83 -5.92 26.35
C LEU A 98 1.89 -4.96 27.03
N THR A 99 1.24 -4.09 26.27
CA THR A 99 0.29 -3.13 26.82
C THR A 99 -1.04 -3.17 26.07
N GLY A 100 -1.24 -4.14 25.20
CA GLY A 100 -2.50 -4.32 24.54
C GLY A 100 -2.48 -5.38 23.47
N SER A 101 -3.54 -5.43 22.66
CA SER A 101 -3.69 -6.38 21.60
C SER A 101 -2.65 -6.16 20.49
N TRP A 102 -2.39 -4.92 20.13
CA TRP A 102 -1.37 -4.65 19.11
C TRP A 102 0.01 -5.08 19.59
N SER A 103 0.31 -4.93 20.88
CA SER A 103 1.59 -5.44 21.41
C SER A 103 1.65 -6.94 21.22
N GLU A 104 0.56 -7.65 21.52
CA GLU A 104 0.51 -9.10 21.36
C GLU A 104 0.74 -9.52 19.91
N LYS A 105 0.16 -8.79 18.98
CA LYS A 105 0.29 -9.14 17.57
C LYS A 105 1.73 -9.01 17.10
N ALA A 106 2.40 -7.97 17.61
CA ALA A 106 3.82 -7.79 17.30
C ALA A 106 4.65 -8.94 17.85
N LEU A 107 4.46 -9.27 19.12
CA LEU A 107 5.19 -10.38 19.74
C LEU A 107 4.96 -11.70 18.99
N LYS A 108 3.72 -11.94 18.58
CA LYS A 108 3.40 -13.18 17.87
C LYS A 108 4.27 -13.37 16.63
N GLU A 109 4.49 -12.31 15.87
CA GLU A 109 5.28 -12.45 14.66
C GLU A 109 6.74 -12.67 14.97
N ALA A 110 7.27 -12.05 16.01
CA ALA A 110 8.66 -12.30 16.41
C ALA A 110 8.87 -13.76 16.85
N LYS A 111 7.87 -14.34 17.52
CA LYS A 111 7.99 -15.73 18.02
C LYS A 111 8.23 -16.70 16.90
N LEU A 112 7.63 -16.44 15.74
CA LEU A 112 7.84 -17.29 14.57
CA LEU A 112 7.83 -17.28 14.58
C LEU A 112 9.28 -17.28 14.11
N LEU A 113 10.02 -16.20 14.38
CA LEU A 113 11.35 -16.02 13.82
C LEU A 113 12.54 -16.20 14.76
N GLY A 114 12.30 -16.20 16.05
CA GLY A 114 13.40 -16.29 17.00
C GLY A 114 12.96 -16.33 18.41
N GLU A 115 13.91 -16.21 19.32
CA GLU A 115 13.61 -16.20 20.75
C GLU A 115 13.02 -14.87 21.13
N THR A 116 11.97 -14.93 21.95
CA THR A 116 11.34 -13.73 22.46
C THR A 116 11.26 -13.72 23.96
N HIS A 117 10.84 -12.59 24.52
CA HIS A 117 10.78 -12.40 25.95
C HIS A 117 9.76 -11.29 26.21
N ILE A 118 9.09 -11.37 27.36
CA ILE A 118 8.16 -10.33 27.79
C ILE A 118 8.80 -9.50 28.91
N ALA A 119 9.21 -8.28 28.59
CA ALA A 119 9.93 -7.44 29.52
C ALA A 119 9.01 -6.99 30.64
N ALA A 120 7.75 -6.78 30.29
CA ALA A 120 6.72 -6.36 31.24
C ALA A 120 5.38 -6.50 30.53
N SER A 121 4.32 -6.58 31.31
CA SER A 121 2.99 -6.82 30.77
C SER A 121 1.93 -6.39 31.74
N THR A 122 0.88 -5.75 31.23
CA THR A 122 -0.29 -5.46 32.05
C THR A 122 -1.49 -6.29 31.60
N LYS A 123 -1.24 -7.42 30.94
CA LYS A 123 -2.31 -8.31 30.53
C LYS A 123 -3.15 -8.76 31.74
N ALA A 124 -2.48 -9.02 32.84
CA ALA A 124 -3.20 -9.51 34.04
C ALA A 124 -4.03 -8.40 34.67
N ASN A 125 -3.70 -7.15 34.36
CA ASN A 125 -4.49 -5.98 34.76
C ASN A 125 -5.43 -5.55 33.62
N SER A 126 -5.79 -6.51 32.75
CA SER A 126 -6.71 -6.30 31.62
C SER A 126 -6.29 -5.17 30.70
N TYR A 127 -5.00 -4.95 30.58
CA TYR A 127 -4.46 -3.87 29.80
C TYR A 127 -5.12 -2.52 30.12
N GLN A 128 -5.24 -2.22 31.42
CA GLN A 128 -5.82 -0.96 31.87
C GLN A 128 -4.73 0.05 32.16
N SER A 129 -3.47 -0.37 32.05
CA SER A 129 -2.39 0.51 32.43
C SER A 129 -1.08 0.24 31.66
N ILE A 130 -0.20 1.22 31.75
CA ILE A 130 1.18 1.08 31.28
C ILE A 130 2.03 0.66 32.48
N PRO A 131 2.86 -0.35 32.33
CA PRO A 131 3.67 -0.80 33.47
C PRO A 131 4.72 0.23 33.88
N ASP A 132 5.11 0.20 35.16
CA ASP A 132 6.23 1.00 35.63
CA ASP A 132 6.23 1.01 35.62
C ASP A 132 7.49 0.49 34.95
N PHE A 133 8.35 1.40 34.53
CA PHE A 133 9.55 1.03 33.79
C PHE A 133 10.49 0.21 34.69
N SER A 134 10.37 0.38 36.00
CA SER A 134 11.17 -0.41 36.95
C SER A 134 10.83 -1.90 36.89
N GLU A 135 9.67 -2.23 36.33
CA GLU A 135 9.24 -3.62 36.15
C GLU A 135 9.99 -4.30 34.98
N PHE A 136 10.62 -3.52 34.11
CA PHE A 136 11.16 -4.09 32.87
C PHE A 136 12.29 -5.09 33.15
N GLN A 137 12.10 -6.29 32.63
CA GLN A 137 13.10 -7.34 32.66
CA GLN A 137 13.09 -7.34 32.66
C GLN A 137 13.82 -7.32 31.32
N LEU A 138 15.08 -6.94 31.36
CA LEU A 138 15.90 -6.77 30.18
C LEU A 138 16.98 -7.83 30.13
N ASN A 139 17.45 -8.13 28.92
CA ASN A 139 18.50 -9.12 28.71
C ASN A 139 19.67 -8.49 27.96
N GLU A 140 20.91 -8.88 28.34
CA GLU A 140 22.10 -8.37 27.68
C GLU A 140 22.08 -8.67 26.17
N ASN A 141 21.48 -9.78 25.80
CA ASN A 141 21.42 -10.16 24.39
C ASN A 141 20.07 -9.83 23.75
N ASP A 142 19.36 -8.85 24.31
CA ASP A 142 18.18 -8.35 23.59
C ASP A 142 18.66 -7.79 22.25
N ALA A 143 17.95 -8.16 21.18
CA ALA A 143 18.15 -7.54 19.88
C ALA A 143 17.56 -6.15 19.87
N TYR A 144 16.50 -5.98 20.66
CA TYR A 144 15.74 -4.75 20.76
C TYR A 144 14.72 -4.92 21.88
N LEU A 145 14.17 -3.78 22.32
CA LEU A 145 13.01 -3.75 23.20
C LEU A 145 11.91 -3.03 22.43
N HIS A 146 10.77 -3.69 22.30
CA HIS A 146 9.65 -3.17 21.51
C HIS A 146 8.50 -2.75 22.42
N ILE A 147 8.00 -1.53 22.19
CA ILE A 147 6.82 -1.02 22.88
C ILE A 147 5.76 -0.60 21.87
N THR A 148 4.53 -0.43 22.38
CA THR A 148 3.41 0.10 21.61
C THR A 148 3.03 1.41 22.31
N SER A 149 3.31 2.55 21.70
CA SER A 149 3.17 3.82 22.43
C SER A 149 1.72 4.11 22.82
N ASN A 150 0.79 3.78 21.93
CA ASN A 150 -0.62 4.01 22.14
C ASN A 150 -1.34 2.73 21.78
N ASN A 151 -2.02 2.17 22.78
CA ASN A 151 -2.66 0.88 22.66
C ASN A 151 -4.09 1.11 22.20
N THR A 152 -4.26 1.11 20.89
CA THR A 152 -5.43 1.65 20.23
C THR A 152 -6.74 1.01 20.66
N ILE A 153 -6.72 -0.29 20.85
CA ILE A 153 -7.90 -1.04 21.23
C ILE A 153 -8.32 -0.85 22.69
N TYR A 154 -7.34 -0.69 23.57
CA TYR A 154 -7.59 -0.54 25.01
C TYR A 154 -7.61 0.89 25.48
N GLY A 155 -7.16 1.84 24.69
CA GLY A 155 -7.23 3.23 25.09
C GLY A 155 -6.27 3.66 26.17
N THR A 156 -5.09 3.04 26.19
CA THR A 156 -4.02 3.45 27.09
C THR A 156 -2.82 3.95 26.28
N GLN A 157 -1.94 4.69 26.93
CA GLN A 157 -0.87 5.37 26.24
C GLN A 157 0.28 5.66 27.16
N TYR A 158 1.50 5.49 26.65
CA TYR A 158 2.67 5.93 27.34
C TYR A 158 2.68 7.44 27.47
N GLN A 159 2.83 7.91 28.71
CA GLN A 159 2.87 9.34 28.98
CA GLN A 159 2.85 9.33 28.97
C GLN A 159 4.27 9.86 28.73
N ASN A 160 5.25 8.98 28.85
CA ASN A 160 6.65 9.29 28.53
C ASN A 160 7.30 7.95 28.25
N PHE A 161 8.57 7.96 27.86
CA PHE A 161 9.20 6.75 27.34
C PHE A 161 10.40 6.37 28.17
N PRO A 162 10.66 5.07 28.26
CA PRO A 162 11.82 4.57 29.00
C PRO A 162 13.14 4.97 28.37
N GLU A 163 14.14 5.17 29.23
CA GLU A 163 15.49 5.43 28.79
C GLU A 163 16.19 4.10 28.68
N ILE A 164 16.45 3.69 27.45
CA ILE A 164 16.94 2.36 27.15
C ILE A 164 18.28 2.56 26.44
N ASN A 165 19.33 1.95 26.97
CA ASN A 165 20.67 2.08 26.38
C ASN A 165 21.35 0.74 26.12
N HIS A 166 20.73 -0.37 26.49
CA HIS A 166 21.36 -1.67 26.35
C HIS A 166 21.09 -2.35 24.99
N ALA A 167 20.12 -1.80 24.26
CA ALA A 167 19.61 -2.39 23.03
C ALA A 167 18.77 -1.30 22.39
N PRO A 168 18.45 -1.42 21.10
CA PRO A 168 17.58 -0.45 20.42
C PRO A 168 16.16 -0.47 20.99
N LEU A 169 15.59 0.71 21.20
CA LEU A 169 14.19 0.83 21.57
C LEU A 169 13.38 1.05 20.29
N ILE A 170 12.38 0.21 20.12
CA ILE A 170 11.51 0.23 18.94
C ILE A 170 10.07 0.46 19.37
N ALA A 171 9.35 1.29 18.62
CA ALA A 171 7.96 1.57 18.98
C ALA A 171 7.02 1.52 17.79
N ASP A 172 5.91 0.82 17.99
CA ASP A 172 4.70 0.93 17.17
C ASP A 172 3.92 2.16 17.65
N MET A 173 4.06 3.24 16.91
CA MET A 173 3.38 4.51 17.22
C MET A 173 2.24 4.77 16.25
N SER A 174 1.68 3.72 15.67
CA SER A 174 0.61 3.92 14.70
C SER A 174 -0.47 4.91 15.15
N SER A 175 -0.94 4.78 16.38
CA SER A 175 -2.11 5.56 16.75
C SER A 175 -1.81 6.82 17.54
N ASP A 176 -0.54 7.20 17.69
CA ASP A 176 -0.22 8.51 18.29
C ASP A 176 0.96 9.27 17.72
N ILE A 177 1.55 8.78 16.62
CA ILE A 177 2.65 9.50 16.03
C ILE A 177 2.21 10.89 15.62
N LEU A 178 3.04 11.88 15.95
CA LEU A 178 2.79 13.28 15.61
C LEU A 178 1.51 13.82 16.22
N SER A 179 1.14 13.27 17.38
CA SER A 179 0.09 13.88 18.17
C SER A 179 0.66 14.85 19.20
N ARG A 180 1.97 14.92 19.28
CA ARG A 180 2.67 15.67 20.31
C ARG A 180 4.16 15.63 19.98
N PRO A 181 4.95 16.51 20.59
CA PRO A 181 6.38 16.47 20.33
C PRO A 181 6.94 15.14 20.77
N LEU A 182 8.04 14.74 20.15
CA LEU A 182 8.65 13.46 20.42
C LEU A 182 10.17 13.56 20.32
N LYS A 183 10.84 13.06 21.33
CA LYS A 183 12.29 12.93 21.33
C LYS A 183 12.70 11.68 20.55
N VAL A 184 12.88 11.86 19.25
CA VAL A 184 13.13 10.73 18.36
C VAL A 184 14.42 10.01 18.71
N ASN A 185 15.40 10.74 19.25
CA ASN A 185 16.68 10.12 19.54
C ASN A 185 16.64 9.10 20.67
N GLN A 186 15.49 8.96 21.34
CA GLN A 186 15.30 7.89 22.33
C GLN A 186 15.12 6.53 21.67
N PHE A 187 14.87 6.53 20.36
CA PHE A 187 14.46 5.30 19.68
C PHE A 187 15.43 4.91 18.62
N GLY A 188 15.52 3.63 18.35
CA GLY A 188 16.23 3.14 17.18
C GLY A 188 15.34 3.09 15.97
N MET A 189 14.06 2.80 16.18
CA MET A 189 13.10 2.80 15.09
CA MET A 189 13.10 2.78 15.08
C MET A 189 11.70 3.04 15.60
N ILE A 190 10.94 3.80 14.83
CA ILE A 190 9.54 4.08 15.09
C ILE A 190 8.78 3.72 13.84
N TYR A 191 7.66 3.02 13.95
CA TYR A 191 6.80 2.80 12.77
C TYR A 191 5.36 3.11 13.06
N ALA A 192 4.62 3.43 12.01
CA ALA A 192 3.23 3.84 12.12
C ALA A 192 2.52 3.63 10.79
N GLY A 193 1.43 2.89 10.79
CA GLY A 193 0.52 2.97 9.66
C GLY A 193 0.05 4.42 9.57
N ALA A 194 -0.06 4.98 8.38
CA ALA A 194 -0.37 6.40 8.30
C ALA A 194 -1.81 6.72 8.63
N GLN A 195 -2.70 5.73 8.54
CA GLN A 195 -4.14 5.99 8.50
C GLN A 195 -4.78 6.38 9.82
N LYS A 196 -4.02 6.56 10.89
CA LYS A 196 -4.61 7.18 12.10
C LYS A 196 -4.38 8.66 12.17
N ASN A 197 -3.11 9.08 12.11
CA ASN A 197 -2.73 10.46 12.35
C ASN A 197 -1.88 11.17 11.27
N LEU A 198 -1.54 10.48 10.17
CA LEU A 198 -0.63 11.06 9.18
C LEU A 198 -1.23 11.17 7.79
N GLY A 199 -2.37 10.55 7.59
CA GLY A 199 -2.87 10.47 6.24
C GLY A 199 -3.77 9.30 6.02
N PRO A 200 -3.80 8.84 4.79
CA PRO A 200 -4.76 7.82 4.46
C PRO A 200 -4.05 6.49 4.58
N SER A 201 -4.78 5.42 4.35
CA SER A 201 -4.19 4.12 4.41
CA SER A 201 -4.19 4.11 4.42
C SER A 201 -3.36 3.91 3.17
N GLY A 202 -2.55 2.89 3.23
CA GLY A 202 -1.76 2.49 2.10
C GLY A 202 -0.29 2.80 2.22
N VAL A 203 0.10 3.59 3.21
CA VAL A 203 1.54 3.81 3.45
C VAL A 203 1.80 3.69 4.94
N THR A 204 2.98 3.16 5.25
CA THR A 204 3.48 3.01 6.59
C THR A 204 4.76 3.84 6.70
N VAL A 205 4.87 4.68 7.71
CA VAL A 205 6.01 5.53 7.93
C VAL A 205 6.93 4.81 8.90
N VAL A 206 8.22 4.76 8.54
CA VAL A 206 9.21 4.15 9.42
C VAL A 206 10.34 5.14 9.59
N ILE A 207 10.61 5.54 10.81
CA ILE A 207 11.70 6.48 11.12
C ILE A 207 12.76 5.61 11.75
N VAL A 208 13.90 5.52 11.09
CA VAL A 208 14.94 4.57 11.47
C VAL A 208 16.29 5.24 11.67
N LYS A 209 16.96 4.91 12.76
CA LYS A 209 18.37 5.32 12.89
CA LYS A 209 18.36 5.32 12.89
C LYS A 209 19.15 4.57 11.81
N LYS A 210 19.70 5.29 10.83
CA LYS A 210 20.23 4.66 9.63
CA LYS A 210 20.22 4.66 9.63
C LYS A 210 21.23 3.55 9.92
N ASP A 211 22.18 3.85 10.78
CA ASP A 211 23.25 2.89 11.03
C ASP A 211 22.76 1.60 11.68
N LEU A 212 21.58 1.63 12.30
CA LEU A 212 21.06 0.45 12.96
CA LEU A 212 21.07 0.44 12.96
C LEU A 212 20.60 -0.60 11.97
N LEU A 213 20.11 -0.13 10.81
CA LEU A 213 19.36 -1.02 9.91
C LEU A 213 19.77 -0.97 8.44
N ASN A 214 20.89 -0.34 8.13
CA ASN A 214 21.28 -0.15 6.72
C ASN A 214 22.25 -1.21 6.16
N THR A 215 22.28 -2.37 6.81
CA THR A 215 23.06 -3.49 6.35
C THR A 215 22.16 -4.61 5.87
N LYS A 216 22.48 -5.14 4.71
CA LYS A 216 21.78 -6.32 4.22
C LYS A 216 21.81 -7.44 5.25
N VAL A 217 20.67 -8.09 5.37
CA VAL A 217 20.45 -9.29 6.17
C VAL A 217 20.47 -10.57 5.40
N GLU A 218 21.35 -11.52 5.77
CA GLU A 218 21.46 -12.76 5.03
C GLU A 218 20.11 -13.42 4.89
N GLN A 219 19.80 -13.80 3.66
CA GLN A 219 18.67 -14.68 3.37
C GLN A 219 17.30 -14.04 3.52
N VAL A 220 17.27 -12.75 3.83
CA VAL A 220 15.98 -12.06 3.94
C VAL A 220 15.57 -11.57 2.53
N PRO A 221 14.31 -11.82 2.14
CA PRO A 221 13.84 -11.30 0.85
C PRO A 221 14.11 -9.82 0.66
N THR A 222 14.39 -9.43 -0.58
CA THR A 222 14.78 -8.09 -0.91
C THR A 222 13.81 -7.04 -0.39
N MET A 223 12.53 -7.28 -0.61
CA MET A 223 11.52 -6.29 -0.20
C MET A 223 11.35 -6.18 1.30
N LEU A 224 11.83 -7.17 2.03
CA LEU A 224 11.65 -7.23 3.48
C LEU A 224 12.93 -6.80 4.23
N GLN A 225 13.90 -6.29 3.49
CA GLN A 225 15.12 -5.71 4.10
CA GLN A 225 15.11 -5.72 4.11
C GLN A 225 15.00 -4.21 4.28
N TYR A 226 15.19 -3.71 5.49
CA TYR A 226 15.19 -2.27 5.64
C TYR A 226 16.30 -1.65 4.77
N ALA A 227 17.42 -2.36 4.62
CA ALA A 227 18.54 -1.81 3.87
C ALA A 227 18.17 -1.48 2.44
N THR A 228 17.32 -2.31 1.84
CA THR A 228 16.83 -2.09 0.49
C THR A 228 16.16 -0.75 0.39
N HIS A 229 15.27 -0.47 1.32
CA HIS A 229 14.51 0.75 1.28
C HIS A 229 15.30 1.97 1.73
N ILE A 230 16.25 1.75 2.66
CA ILE A 230 17.14 2.84 3.03
C ILE A 230 18.00 3.29 1.83
N LYS A 231 18.64 2.33 1.20
CA LYS A 231 19.56 2.66 0.12
C LYS A 231 18.84 3.30 -1.05
N SER A 232 17.61 2.85 -1.29
N SER A 232 17.61 2.88 -1.29
CA SER A 232 16.81 3.29 -2.40
CA SER A 232 16.84 3.36 -2.43
C SER A 232 15.92 4.49 -2.06
C SER A 232 15.99 4.59 -2.10
N ASP A 233 16.01 5.02 -0.84
CA ASP A 233 15.21 6.17 -0.40
C ASP A 233 13.71 5.90 -0.64
N SER A 234 13.27 4.69 -0.30
CA SER A 234 11.87 4.26 -0.43
C SER A 234 11.38 4.34 -1.85
N LEU A 235 12.31 4.19 -2.79
CA LEU A 235 11.98 4.10 -4.22
C LEU A 235 12.54 2.81 -4.83
N TYR A 236 12.65 1.76 -4.06
CA TYR A 236 13.16 0.49 -4.62
C TYR A 236 12.16 -0.07 -5.65
N ASN A 237 10.90 -0.16 -5.21
CA ASN A 237 9.81 -0.45 -6.11
C ASN A 237 8.84 0.70 -6.10
N THR A 238 7.68 0.51 -6.73
CA THR A 238 6.75 1.62 -6.88
C THR A 238 6.06 1.93 -5.57
N PRO A 239 6.25 3.15 -5.05
CA PRO A 239 5.65 3.53 -3.78
C PRO A 239 4.18 3.81 -3.96
N PRO A 240 3.45 3.90 -2.84
CA PRO A 240 2.03 4.32 -2.87
C PRO A 240 1.98 5.84 -3.02
N THR A 241 2.11 6.28 -4.27
CA THR A 241 2.36 7.67 -4.56
C THR A 241 1.25 8.59 -4.07
N PHE A 242 -0.01 8.20 -4.23
CA PHE A 242 -1.09 9.08 -3.80
C PHE A 242 -1.16 9.14 -2.28
N SER A 243 -0.90 8.02 -1.62
CA SER A 243 -0.89 8.03 -0.16
C SER A 243 0.20 8.96 0.37
N ILE A 244 1.37 8.96 -0.27
CA ILE A 244 2.47 9.81 0.16
C ILE A 244 2.14 11.28 -0.11
N TYR A 245 1.52 11.53 -1.23
CA TYR A 245 1.01 12.85 -1.53
C TYR A 245 0.02 13.33 -0.48
N MET A 246 -0.94 12.49 -0.10
CA MET A 246 -1.89 12.88 0.92
C MET A 246 -1.21 13.11 2.26
N LEU A 247 -0.22 12.28 2.59
CA LEU A 247 0.60 12.49 3.78
CA LEU A 247 0.61 12.48 3.79
C LEU A 247 1.25 13.87 3.75
N ARG A 248 1.85 14.23 2.63
CA ARG A 248 2.41 15.58 2.48
C ARG A 248 1.33 16.63 2.81
N ASN A 249 0.13 16.48 2.25
CA ASN A 249 -0.93 17.47 2.50
C ASN A 249 -1.28 17.54 3.97
N VAL A 250 -1.39 16.39 4.62
CA VAL A 250 -1.73 16.40 6.04
C VAL A 250 -0.61 17.07 6.86
N LEU A 251 0.64 16.76 6.56
CA LEU A 251 1.78 17.35 7.29
C LEU A 251 1.79 18.88 7.08
N ASP A 252 1.47 19.35 5.87
CA ASP A 252 1.40 20.80 5.63
C ASP A 252 0.35 21.44 6.54
N TRP A 253 -0.76 20.75 6.74
CA TRP A 253 -1.83 21.23 7.60
C TRP A 253 -1.36 21.31 9.05
N ILE A 254 -0.69 20.27 9.52
CA ILE A 254 -0.13 20.29 10.87
C ILE A 254 0.81 21.48 11.01
N LYS A 255 1.69 21.66 10.04
CA LYS A 255 2.61 22.81 10.07
C LYS A 255 1.85 24.15 10.09
N ASP A 256 0.82 24.31 9.26
CA ASP A 256 0.03 25.54 9.18
C ASP A 256 -0.62 25.87 10.52
N LEU A 257 -0.98 24.86 11.30
CA LEU A 257 -1.71 25.09 12.55
CA LEU A 257 -1.71 25.09 12.55
C LEU A 257 -0.75 25.34 13.71
N GLY A 258 0.54 25.18 13.47
CA GLY A 258 1.55 25.49 14.46
C GLY A 258 2.40 24.35 14.93
N GLY A 259 2.27 23.18 14.29
CA GLY A 259 3.18 22.10 14.57
C GLY A 259 2.77 21.23 15.73
N ALA A 260 3.70 20.41 16.21
CA ALA A 260 3.41 19.39 17.21
C ALA A 260 2.95 19.96 18.53
N GLU A 261 3.50 21.09 18.96
CA GLU A 261 3.03 21.69 20.23
C GLU A 261 1.60 22.17 20.14
N ALA A 262 1.22 22.78 19.03
CA ALA A 262 -0.14 23.25 18.84
C ALA A 262 -1.10 22.08 18.79
N ILE A 263 -0.73 21.02 18.08
CA ILE A 263 -1.66 19.91 17.97
C ILE A 263 -1.79 19.20 19.31
N ALA A 264 -0.71 19.10 20.09
CA ALA A 264 -0.77 18.53 21.43
C ALA A 264 -1.76 19.29 22.30
N LYS A 265 -1.73 20.61 22.23
CA LYS A 265 -2.68 21.41 23.02
C LYS A 265 -4.13 21.12 22.62
N GLN A 266 -4.40 21.03 21.32
CA GLN A 266 -5.73 20.71 20.84
C GLN A 266 -6.16 19.32 21.30
N ASN A 267 -5.24 18.35 21.19
CA ASN A 267 -5.56 16.98 21.54
C ASN A 267 -5.84 16.82 23.05
N GLU A 268 -5.09 17.54 23.86
CA GLU A 268 -5.32 17.50 25.29
C GLU A 268 -6.66 18.07 25.62
N GLU A 269 -7.04 19.15 24.97
CA GLU A 269 -8.33 19.77 25.23
CA GLU A 269 -8.33 19.76 25.23
C GLU A 269 -9.48 18.86 24.80
N LYS A 270 -9.37 18.25 23.62
CA LYS A 270 -10.37 17.31 23.13
C LYS A 270 -10.58 16.14 24.08
N ALA A 271 -9.49 15.53 24.52
CA ALA A 271 -9.56 14.38 25.37
C ALA A 271 -10.22 14.74 26.69
N LYS A 272 -9.87 15.91 27.20
CA LYS A 272 -10.44 16.35 28.49
C LYS A 272 -11.95 16.46 28.44
N ILE A 273 -12.50 16.94 27.33
CA ILE A 273 -13.93 17.05 27.19
C ILE A 273 -14.57 15.70 27.43
N ILE A 274 -13.99 14.65 26.86
CA ILE A 274 -14.62 13.34 26.92
C ILE A 274 -14.36 12.70 28.28
N TYR A 275 -13.13 12.76 28.76
CA TYR A 275 -12.81 12.13 30.05
C TYR A 275 -13.58 12.80 31.19
N ASP A 276 -13.73 14.13 31.16
CA ASP A 276 -14.51 14.79 32.21
C ASP A 276 -15.97 14.30 32.16
N THR A 277 -16.52 14.09 30.98
CA THR A 277 -17.86 13.57 30.84
C THR A 277 -17.99 12.17 31.46
N ILE A 278 -17.00 11.33 31.22
CA ILE A 278 -16.99 10.01 31.82
C ILE A 278 -16.91 10.14 33.37
N ASP A 279 -15.98 10.93 33.86
CA ASP A 279 -15.67 10.99 35.28
C ASP A 279 -16.83 11.59 36.06
N GLU A 280 -17.56 12.51 35.43
CA GLU A 280 -18.68 13.20 36.08
C GLU A 280 -20.01 12.45 35.97
N SER A 281 -20.02 11.25 35.38
CA SER A 281 -21.19 10.50 35.09
C SER A 281 -21.68 9.54 36.17
N ASN A 282 -21.04 9.60 37.34
CA ASN A 282 -21.36 8.72 38.46
C ASN A 282 -21.50 7.27 38.03
N GLY A 283 -20.53 6.83 37.24
CA GLY A 283 -20.42 5.45 36.81
C GLY A 283 -21.31 5.05 35.66
N PHE A 284 -22.09 5.98 35.09
CA PHE A 284 -22.94 5.66 33.96
C PHE A 284 -22.05 5.25 32.76
N TYR A 285 -20.96 5.99 32.60
CA TYR A 285 -19.88 5.62 31.66
C TYR A 285 -18.65 5.30 32.49
N VAL A 286 -18.00 4.18 32.18
CA VAL A 286 -16.82 3.74 32.89
C VAL A 286 -15.68 3.59 31.85
N GLY A 287 -14.60 4.30 32.07
CA GLY A 287 -13.46 4.20 31.19
C GLY A 287 -12.74 2.89 31.42
N HIS A 288 -12.22 2.30 30.35
CA HIS A 288 -11.37 1.11 30.53
C HIS A 288 -10.05 1.46 31.19
N ALA A 289 -9.41 2.52 30.75
CA ALA A 289 -8.08 2.85 31.23
C ALA A 289 -8.06 3.35 32.65
N GLU A 290 -7.02 2.99 33.37
CA GLU A 290 -6.72 3.72 34.59
C GLU A 290 -6.42 5.14 34.24
N LYS A 291 -6.80 6.06 35.11
CA LYS A 291 -6.64 7.47 34.79
C LYS A 291 -5.22 7.85 34.42
N GLY A 292 -4.24 7.30 35.14
CA GLY A 292 -2.85 7.66 34.88
C GLY A 292 -2.27 7.13 33.58
N SER A 293 -3.03 6.29 32.88
CA SER A 293 -2.54 5.67 31.63
C SER A 293 -3.46 6.04 30.45
N ARG A 294 -4.35 7.00 30.63
CA ARG A 294 -5.36 7.32 29.63
C ARG A 294 -4.74 7.79 28.33
N SER A 295 -5.23 7.25 27.22
CA SER A 295 -4.83 7.70 25.89
C SER A 295 -5.51 9.02 25.53
N LEU A 296 -4.75 9.92 24.91
CA LEU A 296 -5.28 11.15 24.33
C LEU A 296 -5.82 10.95 22.93
N MET A 297 -5.64 9.75 22.37
CA MET A 297 -6.00 9.41 21.01
C MET A 297 -7.21 8.48 20.87
N ASN A 298 -7.41 7.56 21.82
CA ASN A 298 -8.54 6.63 21.74
C ASN A 298 -9.13 6.50 23.12
N VAL A 299 -10.37 6.97 23.27
CA VAL A 299 -11.04 6.98 24.58
C VAL A 299 -12.01 5.79 24.63
N THR A 300 -11.69 4.81 25.48
CA THR A 300 -12.48 3.59 25.53
C THR A 300 -13.36 3.55 26.79
N PHE A 301 -14.61 3.15 26.61
CA PHE A 301 -15.54 3.18 27.75
C PHE A 301 -16.70 2.27 27.49
N ASN A 302 -17.40 1.97 28.57
CA ASN A 302 -18.57 1.14 28.52
C ASN A 302 -19.67 1.73 29.38
N LEU A 303 -20.91 1.44 28.99
CA LEU A 303 -22.07 1.73 29.84
C LEU A 303 -22.26 0.53 30.77
N ARG A 304 -23.31 0.54 31.58
CA ARG A 304 -23.37 -0.45 32.65
C ARG A 304 -23.68 -1.87 32.20
N ASN A 305 -24.27 -2.04 31.03
CA ASN A 305 -24.53 -3.36 30.49
C ASN A 305 -24.59 -3.32 28.99
N GLU A 306 -24.61 -4.50 28.36
CA GLU A 306 -24.53 -4.57 26.90
C GLU A 306 -25.75 -3.96 26.21
N GLU A 307 -26.93 -4.12 26.80
CA GLU A 307 -28.12 -3.55 26.24
C GLU A 307 -28.00 -2.01 26.17
N LEU A 308 -27.50 -1.40 27.24
CA LEU A 308 -27.27 0.04 27.24
C LEU A 308 -26.19 0.42 26.21
N ASN A 309 -25.11 -0.36 26.15
CA ASN A 309 -24.10 -0.09 25.13
C ASN A 309 -24.75 -0.03 23.74
N GLN A 310 -25.58 -1.02 23.44
CA GLN A 310 -26.18 -1.12 22.13
C GLN A 310 -27.11 0.02 21.87
N GLN A 311 -27.90 0.40 22.88
CA GLN A 311 -28.83 1.50 22.71
C GLN A 311 -28.09 2.80 22.48
N PHE A 312 -27.04 3.03 23.25
CA PHE A 312 -26.21 4.21 23.11
C PHE A 312 -25.58 4.28 21.73
N LEU A 313 -25.01 3.19 21.26
CA LEU A 313 -24.38 3.19 19.94
C LEU A 313 -25.39 3.36 18.82
N ALA A 314 -26.59 2.81 18.98
CA ALA A 314 -27.63 2.98 17.98
C ALA A 314 -28.08 4.43 17.93
N LYS A 315 -28.25 5.06 19.09
CA LYS A 315 -28.58 6.47 19.14
C LYS A 315 -27.49 7.31 18.48
N ALA A 316 -26.25 7.01 18.84
CA ALA A 316 -25.11 7.73 18.26
C ALA A 316 -25.14 7.65 16.72
N LYS A 317 -25.38 6.47 16.19
CA LYS A 317 -25.41 6.30 14.74
C LYS A 317 -26.52 7.15 14.12
N GLU A 318 -27.69 7.13 14.74
CA GLU A 318 -28.84 7.91 14.28
C GLU A 318 -28.51 9.40 14.24
N GLN A 319 -27.66 9.84 15.15
CA GLN A 319 -27.34 11.25 15.28
CA GLN A 319 -27.34 11.25 15.28
C GLN A 319 -26.10 11.68 14.50
N GLY A 320 -25.50 10.76 13.77
CA GLY A 320 -24.42 11.10 12.87
C GLY A 320 -23.02 10.73 13.32
N PHE A 321 -22.91 10.07 14.47
CA PHE A 321 -21.61 9.61 14.95
C PHE A 321 -21.20 8.39 14.17
N VAL A 322 -19.96 8.42 13.71
CA VAL A 322 -19.39 7.34 12.93
C VAL A 322 -18.21 6.75 13.67
N GLY A 323 -18.21 5.42 13.79
CA GLY A 323 -17.05 4.72 14.31
C GLY A 323 -16.90 4.60 15.81
N LEU A 324 -17.96 4.90 16.56
CA LEU A 324 -17.89 4.92 18.02
CA LEU A 324 -17.89 4.94 18.01
C LEU A 324 -17.94 3.56 18.66
N ASN A 325 -18.34 2.55 17.92
CA ASN A 325 -18.31 1.19 18.46
CA ASN A 325 -18.31 1.17 18.45
C ASN A 325 -16.87 0.80 18.79
N GLY A 326 -16.67 0.12 19.91
CA GLY A 326 -15.36 -0.38 20.22
C GLY A 326 -14.88 -1.38 19.19
N HIS A 327 -13.58 -1.63 19.23
CA HIS A 327 -13.03 -2.67 18.37
C HIS A 327 -13.78 -3.95 18.65
N ARG A 328 -14.09 -4.68 17.58
CA ARG A 328 -14.90 -5.92 17.67
C ARG A 328 -14.33 -6.91 18.67
N SER A 329 -13.02 -6.90 18.91
CA SER A 329 -12.44 -7.86 19.84
C SER A 329 -12.78 -7.57 21.30
N VAL A 330 -13.20 -6.34 21.62
CA VAL A 330 -13.46 -5.96 23.00
C VAL A 330 -14.83 -5.35 23.25
N GLY A 331 -15.52 -4.94 22.20
CA GLY A 331 -16.80 -4.30 22.39
C GLY A 331 -16.72 -2.98 23.13
N GLY A 332 -17.81 -2.61 23.82
CA GLY A 332 -17.90 -1.27 24.37
C GLY A 332 -17.86 -0.19 23.30
N CYS A 333 -17.32 0.95 23.68
CA CYS A 333 -17.25 2.16 22.87
C CYS A 333 -15.81 2.62 22.78
N ARG A 334 -15.48 3.25 21.68
CA ARG A 334 -14.18 3.85 21.51
C ARG A 334 -14.35 5.11 20.69
N ALA A 335 -14.04 6.23 21.32
CA ALA A 335 -13.98 7.50 20.60
C ALA A 335 -12.54 7.78 20.19
N SER A 336 -12.25 7.61 18.90
CA SER A 336 -10.93 7.91 18.39
C SER A 336 -10.88 9.38 18.01
N ILE A 337 -9.89 10.06 18.58
CA ILE A 337 -9.79 11.49 18.55
C ILE A 337 -8.40 11.94 18.11
N TYR A 338 -8.00 11.36 16.99
CA TYR A 338 -6.76 11.71 16.33
C TYR A 338 -6.70 13.20 15.97
N ASN A 339 -5.52 13.68 15.52
CA ASN A 339 -5.31 15.12 15.30
C ASN A 339 -6.46 15.81 14.57
N ALA A 340 -6.88 15.22 13.45
CA ALA A 340 -7.88 15.85 12.60
C ALA A 340 -9.32 15.71 13.05
N VAL A 341 -9.56 14.95 14.11
CA VAL A 341 -10.93 14.88 14.65
C VAL A 341 -11.19 16.24 15.35
N PRO A 342 -12.24 16.96 14.93
CA PRO A 342 -12.36 18.31 15.48
C PRO A 342 -12.87 18.35 16.92
N ILE A 343 -12.46 19.37 17.64
CA ILE A 343 -12.92 19.53 19.01
C ILE A 343 -14.44 19.60 19.08
N ASP A 344 -15.11 20.15 18.05
CA ASP A 344 -16.55 20.24 18.11
C ASP A 344 -17.29 18.91 17.97
N ALA A 345 -16.61 17.92 17.40
CA ALA A 345 -17.13 16.57 17.42
C ALA A 345 -17.11 16.00 18.86
N CYS A 346 -16.06 16.35 19.61
CA CYS A 346 -15.96 15.95 21.02
C CYS A 346 -17.07 16.63 21.84
N ILE A 347 -17.33 17.92 21.56
CA ILE A 347 -18.44 18.63 22.20
C ILE A 347 -19.75 17.91 21.92
N ALA A 348 -19.97 17.50 20.67
CA ALA A 348 -21.18 16.79 20.30
C ALA A 348 -21.28 15.43 21.03
N LEU A 349 -20.15 14.74 21.13
CA LEU A 349 -20.14 13.48 21.87
C LEU A 349 -20.52 13.70 23.34
N ARG A 350 -19.95 14.72 23.95
CA ARG A 350 -20.37 15.07 25.32
C ARG A 350 -21.87 15.28 25.40
N GLU A 351 -22.43 16.06 24.50
CA GLU A 351 -23.87 16.33 24.54
C GLU A 351 -24.69 15.06 24.41
N LEU A 352 -24.29 14.20 23.48
CA LEU A 352 -24.95 12.93 23.27
C LEU A 352 -24.91 12.10 24.56
N MET A 353 -23.76 12.07 25.20
CA MET A 353 -23.57 11.27 26.41
C MET A 353 -24.42 11.81 27.55
N ILE A 354 -24.48 13.13 27.68
CA ILE A 354 -25.26 13.74 28.76
C ILE A 354 -26.73 13.47 28.52
N GLN A 355 -27.19 13.67 27.28
CA GLN A 355 -28.58 13.43 26.98
C GLN A 355 -28.96 11.98 27.14
N PHE A 356 -28.08 11.07 26.76
CA PHE A 356 -28.43 9.66 26.81
C PHE A 356 -28.57 9.24 28.27
N LYS A 357 -27.67 9.75 29.09
CA LYS A 357 -27.75 9.43 30.53
C LYS A 357 -29.04 9.98 31.13
N GLU A 358 -29.42 11.20 30.75
CA GLU A 358 -30.64 11.79 31.32
C GLU A 358 -31.94 11.11 30.83
N ASN A 359 -31.92 10.53 29.64
CA ASN A 359 -33.11 9.89 29.09
C ASN A 359 -33.18 8.39 29.33
N ALA A 360 -32.15 7.86 29.99
CA ALA A 360 -32.06 6.43 30.28
C ALA A 360 -33.07 6.05 31.35
N GLN B 3 -1.53 19.46 -24.69
CA GLN B 3 -0.11 19.60 -24.96
C GLN B 3 0.75 18.72 -24.03
N VAL B 4 0.11 17.79 -23.32
CA VAL B 4 0.87 16.76 -22.61
C VAL B 4 0.39 15.40 -23.06
N PHE B 5 1.33 14.53 -23.40
CA PHE B 5 0.99 13.17 -23.79
C PHE B 5 1.65 12.23 -22.81
N ASN B 6 0.84 11.46 -22.09
CA ASN B 6 1.32 10.67 -20.97
C ASN B 6 1.55 9.21 -21.35
N PHE B 7 2.83 8.90 -21.60
CA PHE B 7 3.30 7.56 -21.90
C PHE B 7 4.05 6.92 -20.75
N ASN B 8 3.76 7.38 -19.54
CA ASN B 8 4.37 6.78 -18.35
C ASN B 8 4.12 5.29 -18.26
N ALA B 9 5.12 4.59 -17.74
CA ALA B 9 5.13 3.14 -17.69
C ALA B 9 4.50 2.51 -16.46
N GLY B 10 4.09 3.31 -15.48
CA GLY B 10 3.48 2.83 -14.25
C GLY B 10 4.14 3.49 -13.07
N PRO B 11 3.40 4.27 -12.28
CA PRO B 11 2.02 4.67 -12.56
C PRO B 11 1.90 5.35 -13.90
N SER B 12 0.66 5.49 -14.35
CA SER B 12 0.36 5.76 -15.73
C SER B 12 -0.92 6.52 -15.91
N ALA B 13 -1.26 6.83 -17.15
CA ALA B 13 -2.51 7.52 -17.43
C ALA B 13 -3.72 6.79 -16.85
N LEU B 14 -4.66 7.56 -16.32
CA LEU B 14 -5.90 7.01 -15.86
C LEU B 14 -7.02 7.46 -16.79
N PRO B 15 -8.12 6.70 -16.79
CA PRO B 15 -9.27 7.19 -17.59
C PRO B 15 -9.81 8.46 -17.02
N LYS B 16 -10.07 9.44 -17.87
CA LYS B 16 -10.56 10.72 -17.38
CA LYS B 16 -10.55 10.72 -17.38
C LYS B 16 -11.85 10.53 -16.58
N PRO B 17 -12.78 9.67 -17.03
CA PRO B 17 -14.02 9.54 -16.25
C PRO B 17 -13.80 8.99 -14.83
N ALA B 18 -12.81 8.12 -14.65
CA ALA B 18 -12.55 7.59 -13.32
C ALA B 18 -11.98 8.66 -12.40
N LEU B 19 -11.09 9.50 -12.92
CA LEU B 19 -10.53 10.60 -12.14
C LEU B 19 -11.56 11.68 -11.86
N GLU B 20 -12.39 12.00 -12.85
CA GLU B 20 -13.44 13.00 -12.67
C GLU B 20 -14.43 12.56 -11.61
N ARG B 21 -14.78 11.30 -11.64
CA ARG B 21 -15.67 10.75 -10.65
C ARG B 21 -15.09 10.84 -9.27
N ALA B 22 -13.82 10.47 -9.14
CA ALA B 22 -13.17 10.55 -7.86
C ALA B 22 -13.11 11.98 -7.36
N GLN B 23 -12.79 12.91 -8.24
CA GLN B 23 -12.70 14.32 -7.85
C GLN B 23 -14.05 14.81 -7.33
N LYS B 24 -15.11 14.50 -8.08
CA LYS B 24 -16.43 15.03 -7.77
C LYS B 24 -16.88 14.63 -6.38
N GLU B 25 -16.62 13.39 -5.98
CA GLU B 25 -17.09 12.89 -4.70
CA GLU B 25 -17.08 12.91 -4.68
C GLU B 25 -15.99 12.76 -3.63
N LEU B 26 -14.85 13.42 -3.83
CA LEU B 26 -13.70 13.25 -2.92
C LEU B 26 -14.04 13.66 -1.49
N LEU B 27 -14.94 14.64 -1.31
CA LEU B 27 -15.31 15.10 0.03
C LEU B 27 -16.59 14.48 0.56
N ASN B 28 -17.37 13.84 -0.30
CA ASN B 28 -18.66 13.30 0.06
C ASN B 28 -18.93 12.07 -0.78
N PHE B 29 -18.41 10.94 -0.31
CA PHE B 29 -18.62 9.67 -0.97
C PHE B 29 -19.98 9.07 -0.63
N ASN B 30 -20.74 8.76 -1.67
CA ASN B 30 -21.99 8.02 -1.53
C ASN B 30 -22.89 8.57 -0.40
N ASP B 31 -23.00 9.89 -0.39
CA ASP B 31 -23.87 10.61 0.55
C ASP B 31 -23.49 10.44 2.03
N THR B 32 -22.29 9.97 2.32
CA THR B 32 -21.84 9.81 3.69
C THR B 32 -21.31 11.11 4.29
N GLN B 33 -21.08 12.12 3.45
CA GLN B 33 -20.48 13.39 3.84
C GLN B 33 -19.11 13.23 4.43
N MET B 34 -18.44 12.16 4.01
CA MET B 34 -17.01 12.03 4.25
CA MET B 34 -17.02 11.95 4.27
C MET B 34 -16.35 11.47 2.99
N SER B 35 -15.05 11.60 2.93
CA SER B 35 -14.29 11.05 1.81
C SER B 35 -14.26 9.54 1.95
N VAL B 36 -14.15 8.84 0.81
CA VAL B 36 -13.91 7.39 0.88
C VAL B 36 -12.65 7.12 1.70
N MET B 37 -11.72 8.06 1.72
CA MET B 37 -10.44 7.94 2.44
C MET B 37 -10.60 8.03 3.96
N GLU B 38 -11.77 8.47 4.42
CA GLU B 38 -12.02 8.66 5.86
C GLU B 38 -12.90 7.57 6.47
N LEU B 39 -13.30 6.61 5.64
CA LEU B 39 -14.11 5.46 6.07
C LEU B 39 -13.29 4.40 6.77
N SER B 40 -13.88 3.73 7.75
CA SER B 40 -13.26 2.53 8.29
C SER B 40 -13.40 1.37 7.33
N HIS B 41 -12.33 0.58 7.23
CA HIS B 41 -12.41 -0.68 6.51
C HIS B 41 -13.32 -1.70 7.12
N ARG B 42 -13.78 -1.43 8.36
CA ARG B 42 -14.75 -2.28 9.07
C ARG B 42 -16.19 -1.80 8.88
N SER B 43 -16.38 -0.78 8.05
CA SER B 43 -17.70 -0.23 7.76
C SER B 43 -18.35 -0.84 6.56
N GLN B 44 -19.68 -0.87 6.56
CA GLN B 44 -20.45 -1.30 5.41
C GLN B 44 -20.13 -0.44 4.20
N SER B 45 -19.95 0.87 4.41
CA SER B 45 -19.70 1.74 3.30
C SER B 45 -18.46 1.33 2.53
N TYR B 46 -17.39 1.07 3.24
CA TYR B 46 -16.18 0.62 2.57
C TYR B 46 -16.33 -0.82 2.03
N GLU B 47 -16.92 -1.71 2.83
CA GLU B 47 -17.07 -3.12 2.42
C GLU B 47 -17.79 -3.20 1.08
N GLU B 48 -18.78 -2.31 0.84
CA GLU B 48 -19.48 -2.32 -0.43
C GLU B 48 -18.55 -2.02 -1.61
N VAL B 49 -17.64 -1.07 -1.45
CA VAL B 49 -16.68 -0.73 -2.49
C VAL B 49 -15.72 -1.89 -2.74
N HIS B 50 -15.19 -2.45 -1.66
CA HIS B 50 -14.27 -3.59 -1.71
C HIS B 50 -14.90 -4.73 -2.51
N GLU B 51 -16.14 -5.07 -2.18
CA GLU B 51 -16.85 -6.15 -2.85
CA GLU B 51 -16.85 -6.15 -2.86
C GLU B 51 -17.17 -5.80 -4.31
N GLN B 52 -17.57 -4.56 -4.56
CA GLN B 52 -17.85 -4.15 -5.92
C GLN B 52 -16.63 -4.24 -6.85
N ALA B 53 -15.45 -3.86 -6.34
CA ALA B 53 -14.24 -3.98 -7.10
C ALA B 53 -13.98 -5.46 -7.50
N GLN B 54 -14.11 -6.35 -6.54
CA GLN B 54 -14.00 -7.77 -6.82
CA GLN B 54 -14.00 -7.77 -6.82
C GLN B 54 -15.02 -8.22 -7.86
N ASN B 55 -16.28 -7.83 -7.68
CA ASN B 55 -17.32 -8.27 -8.59
C ASN B 55 -17.11 -7.79 -10.01
N LEU B 56 -16.62 -6.56 -10.17
CA LEU B 56 -16.33 -6.01 -11.48
C LEU B 56 -15.20 -6.79 -12.13
N LEU B 57 -14.13 -7.05 -11.39
CA LEU B 57 -13.04 -7.84 -11.93
CA LEU B 57 -13.04 -7.83 -11.94
C LEU B 57 -13.54 -9.23 -12.35
N ARG B 58 -14.33 -9.85 -11.49
CA ARG B 58 -14.86 -11.18 -11.74
C ARG B 58 -15.68 -11.19 -13.02
N GLU B 59 -16.57 -10.21 -13.20
CA GLU B 59 -17.35 -10.10 -14.41
C GLU B 59 -16.47 -9.82 -15.66
N LEU B 60 -15.52 -8.91 -15.55
CA LEU B 60 -14.84 -8.44 -16.73
C LEU B 60 -13.84 -9.45 -17.27
N LEU B 61 -13.23 -10.19 -16.36
CA LEU B 61 -12.29 -11.26 -16.78
C LEU B 61 -12.94 -12.64 -16.82
N GLN B 62 -14.22 -12.73 -16.45
CA GLN B 62 -14.91 -14.02 -16.36
C GLN B 62 -14.15 -14.97 -15.47
N ILE B 63 -13.93 -14.53 -14.25
CA ILE B 63 -13.18 -15.31 -13.29
C ILE B 63 -14.09 -16.38 -12.73
N PRO B 64 -13.66 -17.63 -12.81
CA PRO B 64 -14.53 -18.70 -12.30
C PRO B 64 -14.76 -18.66 -10.81
N ASN B 65 -15.82 -19.36 -10.41
CA ASN B 65 -16.24 -19.35 -9.03
C ASN B 65 -15.21 -19.92 -8.06
N ASP B 66 -14.33 -20.82 -8.54
CA ASP B 66 -13.34 -21.44 -7.67
C ASP B 66 -12.04 -20.63 -7.52
N TYR B 67 -12.07 -19.39 -8.02
CA TYR B 67 -10.97 -18.44 -7.79
C TYR B 67 -11.44 -17.31 -6.90
N GLN B 68 -10.53 -16.81 -6.07
CA GLN B 68 -10.77 -15.65 -5.25
C GLN B 68 -9.87 -14.49 -5.67
N ILE B 69 -10.41 -13.29 -5.48
CA ILE B 69 -9.72 -12.04 -5.82
C ILE B 69 -9.22 -11.42 -4.53
N LEU B 70 -7.90 -11.24 -4.43
CA LEU B 70 -7.27 -10.59 -3.28
C LEU B 70 -6.75 -9.22 -3.68
N PHE B 71 -6.82 -8.31 -2.71
CA PHE B 71 -6.24 -6.99 -2.81
C PHE B 71 -5.18 -6.84 -1.72
N LEU B 72 -3.91 -6.79 -2.13
CA LEU B 72 -2.80 -6.82 -1.20
C LEU B 72 -1.95 -5.57 -1.40
N GLN B 73 -1.09 -5.31 -0.41
CA GLN B 73 -0.11 -4.26 -0.53
C GLN B 73 1.23 -4.88 -0.88
N GLY B 74 2.17 -4.03 -1.28
CA GLY B 74 3.56 -4.42 -1.49
C GLY B 74 4.02 -4.42 -2.91
N GLY B 75 3.10 -4.25 -3.84
CA GLY B 75 3.39 -4.30 -5.25
C GLY B 75 3.56 -5.69 -5.78
N ALA B 76 3.76 -5.77 -7.08
CA ALA B 76 4.15 -7.03 -7.67
C ALA B 76 5.45 -7.52 -7.03
N SER B 77 6.33 -6.61 -6.60
CA SER B 77 7.62 -7.03 -6.05
C SER B 77 7.47 -7.87 -4.81
N LEU B 78 6.45 -7.61 -3.99
CA LEU B 78 6.28 -8.44 -2.79
C LEU B 78 5.80 -9.82 -3.19
N GLN B 79 5.03 -9.92 -4.26
CA GLN B 79 4.57 -11.20 -4.74
C GLN B 79 5.74 -12.07 -5.19
N PHE B 80 6.82 -11.45 -5.67
CA PHE B 80 7.99 -12.24 -6.08
C PHE B 80 8.47 -13.14 -4.94
N THR B 81 8.37 -12.68 -3.70
CA THR B 81 8.77 -13.50 -2.55
C THR B 81 7.59 -14.24 -1.89
N MET B 82 6.43 -13.62 -1.85
CA MET B 82 5.31 -14.23 -1.21
C MET B 82 4.95 -15.54 -1.93
N LEU B 83 5.01 -15.57 -3.25
CA LEU B 83 4.67 -16.80 -3.97
C LEU B 83 5.53 -18.00 -3.52
N PRO B 84 6.85 -17.91 -3.67
CA PRO B 84 7.68 -19.05 -3.26
C PRO B 84 7.59 -19.27 -1.75
N MET B 85 7.35 -18.26 -0.94
CA MET B 85 7.20 -18.52 0.49
C MET B 85 6.06 -19.46 0.75
N ASN B 86 4.99 -19.37 -0.04
CA ASN B 86 3.84 -20.20 0.14
C ASN B 86 3.86 -21.54 -0.59
N LEU B 87 4.49 -21.61 -1.76
CA LEU B 87 4.43 -22.84 -2.56
C LEU B 87 5.76 -23.57 -2.67
N LEU B 88 6.89 -22.88 -2.50
CA LEU B 88 8.21 -23.51 -2.71
C LEU B 88 8.67 -24.22 -1.45
N THR B 89 8.15 -25.44 -1.30
CA THR B 89 8.42 -26.25 -0.13
C THR B 89 9.63 -27.16 -0.35
N LYS B 90 10.13 -27.74 0.72
CA LYS B 90 11.29 -28.61 0.59
C LYS B 90 10.96 -29.75 -0.38
N GLY B 91 11.89 -29.99 -1.29
CA GLY B 91 11.74 -31.07 -2.24
C GLY B 91 11.04 -30.66 -3.51
N THR B 92 10.59 -29.42 -3.59
CA THR B 92 10.00 -28.94 -4.85
C THR B 92 10.87 -27.87 -5.47
N ILE B 93 10.48 -27.45 -6.69
CA ILE B 93 11.27 -26.56 -7.50
C ILE B 93 10.42 -25.37 -7.98
N GLY B 94 10.98 -24.17 -7.88
CA GLY B 94 10.30 -23.01 -8.45
C GLY B 94 10.84 -22.86 -9.86
N ASN B 95 9.98 -23.17 -10.83
CA ASN B 95 10.37 -23.19 -12.23
C ASN B 95 9.94 -21.88 -12.92
N TYR B 96 10.87 -21.24 -13.61
CA TYR B 96 10.67 -19.89 -14.19
C TYR B 96 10.91 -19.90 -15.68
N VAL B 97 10.07 -19.17 -16.39
CA VAL B 97 10.35 -18.84 -17.77
C VAL B 97 10.87 -17.42 -17.82
N LEU B 98 12.09 -17.22 -18.31
CA LEU B 98 12.69 -15.87 -18.34
C LEU B 98 12.44 -15.19 -19.65
N THR B 99 11.64 -14.12 -19.63
CA THR B 99 11.40 -13.34 -20.81
C THR B 99 11.70 -11.86 -20.63
N GLY B 100 12.31 -11.52 -19.50
CA GLY B 100 12.77 -10.15 -19.33
C GLY B 100 13.31 -9.91 -17.91
N SER B 101 13.53 -8.64 -17.62
CA SER B 101 14.01 -8.17 -16.35
C SER B 101 13.08 -8.52 -15.19
N TRP B 102 11.78 -8.29 -15.35
CA TRP B 102 10.87 -8.66 -14.31
C TRP B 102 10.83 -10.17 -14.04
N SER B 103 11.00 -10.99 -15.07
CA SER B 103 11.12 -12.43 -14.83
C SER B 103 12.33 -12.75 -13.93
N GLU B 104 13.43 -12.08 -14.24
CA GLU B 104 14.69 -12.32 -13.48
C GLU B 104 14.53 -11.91 -12.03
N LYS B 105 13.84 -10.80 -11.80
CA LYS B 105 13.60 -10.33 -10.43
C LYS B 105 12.77 -11.32 -9.64
N ALA B 106 11.78 -11.93 -10.27
CA ALA B 106 10.98 -12.96 -9.62
C ALA B 106 11.81 -14.20 -9.28
N LEU B 107 12.61 -14.64 -10.24
CA LEU B 107 13.49 -15.81 -10.01
C LEU B 107 14.46 -15.53 -8.84
N LYS B 108 15.01 -14.34 -8.81
CA LYS B 108 15.99 -13.98 -7.78
C LYS B 108 15.40 -14.21 -6.40
N GLU B 109 14.15 -13.83 -6.19
CA GLU B 109 13.56 -14.01 -4.88
C GLU B 109 13.31 -15.47 -4.53
N ALA B 110 12.89 -16.25 -5.51
CA ALA B 110 12.69 -17.66 -5.27
C ALA B 110 14.00 -18.35 -4.86
N LYS B 111 15.10 -17.90 -5.44
CA LYS B 111 16.39 -18.55 -5.15
C LYS B 111 16.76 -18.44 -3.69
N LEU B 112 16.28 -17.40 -3.03
CA LEU B 112 16.56 -17.20 -1.61
CA LEU B 112 16.57 -17.19 -1.62
C LEU B 112 15.81 -18.18 -0.75
N LEU B 113 14.77 -18.81 -1.30
CA LEU B 113 13.89 -19.62 -0.54
C LEU B 113 13.87 -21.12 -0.86
N GLY B 114 14.42 -21.50 -1.99
CA GLY B 114 14.44 -22.91 -2.33
C GLY B 114 15.09 -23.15 -3.67
N GLU B 115 14.87 -24.36 -4.19
CA GLU B 115 15.49 -24.75 -5.45
C GLU B 115 14.69 -24.15 -6.60
N THR B 116 15.41 -23.68 -7.60
CA THR B 116 14.78 -23.08 -8.79
C THR B 116 15.29 -23.73 -10.05
N HIS B 117 14.63 -23.40 -11.16
CA HIS B 117 14.97 -23.97 -12.44
C HIS B 117 14.50 -22.98 -13.49
N ILE B 118 15.20 -22.96 -14.62
CA ILE B 118 14.84 -22.16 -15.77
C ILE B 118 14.22 -23.08 -16.83
N ALA B 119 12.89 -23.02 -16.98
CA ALA B 119 12.19 -23.84 -17.94
C ALA B 119 12.52 -23.45 -19.38
N ALA B 120 12.71 -22.17 -19.61
CA ALA B 120 13.06 -21.62 -20.92
C ALA B 120 13.46 -20.19 -20.70
N SER B 121 14.22 -19.65 -21.63
CA SER B 121 14.74 -18.30 -21.52
C SER B 121 15.09 -17.77 -22.88
N THR B 122 14.80 -16.48 -23.08
CA THR B 122 15.27 -15.78 -24.27
C THR B 122 16.32 -14.72 -23.93
N LYS B 123 16.97 -14.87 -22.78
CA LYS B 123 18.04 -13.96 -22.37
C LYS B 123 19.14 -13.89 -23.42
N ALA B 124 19.47 -15.04 -24.00
CA ALA B 124 20.53 -15.08 -25.02
C ALA B 124 20.13 -14.44 -26.34
N ASN B 125 18.82 -14.26 -26.55
CA ASN B 125 18.29 -13.55 -27.71
C ASN B 125 17.91 -12.09 -27.28
N SER B 126 18.58 -11.57 -26.24
CA SER B 126 18.35 -10.24 -25.71
C SER B 126 16.88 -9.96 -25.34
N TYR B 127 16.17 -10.99 -24.93
CA TYR B 127 14.78 -10.88 -24.56
C TYR B 127 14.00 -10.18 -25.67
N GLN B 128 14.26 -10.59 -26.90
CA GLN B 128 13.53 -10.05 -28.03
C GLN B 128 12.29 -10.86 -28.37
N SER B 129 12.09 -11.99 -27.72
CA SER B 129 11.01 -12.90 -28.06
C SER B 129 10.52 -13.68 -26.87
N ILE B 130 9.33 -14.25 -27.04
CA ILE B 130 8.80 -15.24 -26.13
C ILE B 130 9.22 -16.62 -26.67
N PRO B 131 9.74 -17.50 -25.80
CA PRO B 131 10.16 -18.83 -26.26
C PRO B 131 8.97 -19.67 -26.67
N ASP B 132 9.20 -20.59 -27.61
CA ASP B 132 8.17 -21.55 -27.98
C ASP B 132 7.89 -22.41 -26.78
N PHE B 133 6.62 -22.73 -26.54
CA PHE B 133 6.26 -23.50 -25.35
C PHE B 133 6.82 -24.92 -25.45
N SER B 134 6.99 -25.39 -26.67
CA SER B 134 7.60 -26.70 -26.87
C SER B 134 9.02 -26.80 -26.26
N GLU B 135 9.68 -25.67 -26.04
CA GLU B 135 11.03 -25.60 -25.44
C GLU B 135 10.99 -25.79 -23.91
N PHE B 136 9.83 -25.71 -23.29
CA PHE B 136 9.80 -25.64 -21.83
C PHE B 136 10.30 -26.94 -21.21
N GLN B 137 11.21 -26.82 -20.27
CA GLN B 137 11.68 -27.96 -19.48
C GLN B 137 10.96 -27.98 -18.14
N LEU B 138 10.14 -29.01 -17.94
CA LEU B 138 9.25 -29.12 -16.78
C LEU B 138 9.73 -30.27 -15.90
N ASN B 139 9.63 -30.09 -14.58
CA ASN B 139 10.05 -31.12 -13.62
C ASN B 139 8.89 -31.71 -12.85
N GLU B 140 8.97 -33.02 -12.57
CA GLU B 140 7.87 -33.67 -11.85
C GLU B 140 7.64 -33.04 -10.48
N ASN B 141 8.71 -32.50 -9.91
CA ASN B 141 8.61 -31.86 -8.60
C ASN B 141 8.54 -30.33 -8.66
N ASP B 142 8.11 -29.78 -9.78
CA ASP B 142 7.85 -28.34 -9.80
C ASP B 142 6.79 -27.99 -8.79
N ALA B 143 7.03 -26.91 -8.04
CA ALA B 143 6.03 -26.34 -7.16
C ALA B 143 5.06 -25.47 -7.97
N TYR B 144 5.57 -24.95 -9.08
CA TYR B 144 4.83 -24.06 -9.96
C TYR B 144 5.70 -23.75 -11.17
N LEU B 145 5.09 -23.18 -12.22
CA LEU B 145 5.80 -22.61 -13.33
C LEU B 145 5.39 -21.14 -13.41
N HIS B 146 6.37 -20.25 -13.35
CA HIS B 146 6.11 -18.79 -13.31
C HIS B 146 6.50 -18.15 -14.61
N ILE B 147 5.58 -17.35 -15.14
CA ILE B 147 5.79 -16.56 -16.34
C ILE B 147 5.49 -15.08 -16.06
N THR B 148 5.95 -14.25 -16.99
CA THR B 148 5.68 -12.83 -17.00
C THR B 148 4.96 -12.53 -18.31
N SER B 149 3.66 -12.24 -18.23
CA SER B 149 2.86 -12.14 -19.46
C SER B 149 3.28 -11.03 -20.40
N ASN B 150 3.65 -9.91 -19.80
CA ASN B 150 4.08 -8.73 -20.55
C ASN B 150 5.37 -8.24 -19.90
N ASN B 151 6.42 -8.28 -20.70
CA ASN B 151 7.76 -7.95 -20.24
C ASN B 151 7.95 -6.48 -20.48
N THR B 152 7.56 -5.71 -19.45
CA THR B 152 7.36 -4.29 -19.56
C THR B 152 8.58 -3.51 -20.03
N ILE B 153 9.77 -3.95 -19.62
CA ILE B 153 11.01 -3.25 -19.94
C ILE B 153 11.45 -3.56 -21.35
N TYR B 154 11.19 -4.77 -21.83
CA TYR B 154 11.63 -5.18 -23.16
C TYR B 154 10.59 -5.06 -24.27
N GLY B 155 9.32 -4.87 -23.92
CA GLY B 155 8.31 -4.64 -24.96
C GLY B 155 7.86 -5.91 -25.64
N THR B 156 7.93 -7.07 -24.98
CA THR B 156 7.45 -8.32 -25.55
C THR B 156 6.28 -8.83 -24.72
N GLN B 157 5.49 -9.73 -25.30
CA GLN B 157 4.25 -10.15 -24.64
C GLN B 157 3.84 -11.52 -25.14
N TYR B 158 3.41 -12.37 -24.23
CA TYR B 158 2.82 -13.64 -24.59
C TYR B 158 1.56 -13.37 -25.41
N GLN B 159 1.47 -14.02 -26.56
CA GLN B 159 0.27 -13.94 -27.38
C GLN B 159 -0.84 -14.87 -26.89
N ASN B 160 -0.42 -15.94 -26.21
CA ASN B 160 -1.32 -16.91 -25.60
C ASN B 160 -0.47 -17.60 -24.52
N PHE B 161 -1.08 -18.52 -23.78
CA PHE B 161 -0.45 -19.07 -22.60
C PHE B 161 -0.38 -20.57 -22.65
N PRO B 162 0.65 -21.14 -22.04
CA PRO B 162 0.84 -22.59 -22.13
C PRO B 162 -0.14 -23.36 -21.24
N GLU B 163 -0.44 -24.58 -21.68
CA GLU B 163 -1.27 -25.54 -20.96
C GLU B 163 -0.41 -26.29 -19.97
N ILE B 164 -0.55 -25.94 -18.70
CA ILE B 164 0.33 -26.44 -17.66
C ILE B 164 -0.56 -27.01 -16.54
N ASN B 165 -0.44 -28.31 -16.29
CA ASN B 165 -1.30 -28.95 -15.30
C ASN B 165 -0.58 -29.90 -14.36
N HIS B 166 0.73 -29.98 -14.49
CA HIS B 166 1.53 -30.79 -13.55
C HIS B 166 1.82 -30.02 -12.28
N ALA B 167 1.65 -28.71 -12.37
CA ALA B 167 1.97 -27.78 -11.29
C ALA B 167 1.20 -26.52 -11.68
N PRO B 168 0.93 -25.63 -10.73
CA PRO B 168 0.17 -24.43 -11.13
C PRO B 168 1.01 -23.45 -11.94
N LEU B 169 0.38 -22.90 -12.96
CA LEU B 169 0.96 -21.80 -13.73
C LEU B 169 0.67 -20.48 -13.02
N ILE B 170 1.73 -19.72 -12.80
CA ILE B 170 1.67 -18.44 -12.08
C ILE B 170 2.12 -17.37 -13.04
N ALA B 171 1.40 -16.25 -13.10
CA ALA B 171 1.78 -15.18 -14.03
C ALA B 171 1.81 -13.81 -13.37
N ASP B 172 2.93 -13.12 -13.56
CA ASP B 172 3.02 -11.69 -13.28
C ASP B 172 2.44 -10.98 -14.50
N MET B 173 1.20 -10.51 -14.36
CA MET B 173 0.47 -9.80 -15.40
C MET B 173 0.41 -8.31 -15.12
N SER B 174 1.36 -7.78 -14.34
CA SER B 174 1.31 -6.38 -13.97
C SER B 174 1.04 -5.43 -15.13
N SER B 175 1.70 -5.63 -16.25
CA SER B 175 1.61 -4.65 -17.34
C SER B 175 0.66 -4.97 -18.47
N ASP B 176 -0.11 -6.06 -18.35
CA ASP B 176 -1.14 -6.29 -19.34
C ASP B 176 -2.45 -6.87 -18.82
N ILE B 177 -2.62 -6.95 -17.52
CA ILE B 177 -3.89 -7.46 -16.97
CA ILE B 177 -3.87 -7.46 -16.97
C ILE B 177 -5.06 -6.63 -17.44
N LEU B 178 -6.12 -7.32 -17.87
CA LEU B 178 -7.36 -6.67 -18.32
C LEU B 178 -7.14 -5.74 -19.51
N SER B 179 -6.15 -6.06 -20.35
CA SER B 179 -6.00 -5.41 -21.65
C SER B 179 -6.67 -6.23 -22.76
N ARG B 180 -7.19 -7.39 -22.38
CA ARG B 180 -7.74 -8.35 -23.34
C ARG B 180 -8.40 -9.43 -22.51
N PRO B 181 -9.27 -10.23 -23.14
CA PRO B 181 -9.86 -11.35 -22.41
C PRO B 181 -8.80 -12.35 -22.01
N LEU B 182 -9.08 -13.11 -20.96
CA LEU B 182 -8.14 -14.03 -20.39
C LEU B 182 -8.90 -15.27 -19.97
N LYS B 183 -8.34 -16.45 -20.22
CA LYS B 183 -8.88 -17.69 -19.72
C LYS B 183 -8.17 -17.95 -18.38
N VAL B 184 -8.81 -17.43 -17.34
CA VAL B 184 -8.22 -17.47 -16.01
C VAL B 184 -7.94 -18.91 -15.52
N ASN B 185 -8.75 -19.86 -15.96
CA ASN B 185 -8.56 -21.23 -15.53
CA ASN B 185 -8.58 -21.24 -15.55
C ASN B 185 -7.28 -21.87 -16.03
N GLN B 186 -6.54 -21.19 -16.91
CA GLN B 186 -5.21 -21.67 -17.25
C GLN B 186 -4.20 -21.51 -16.12
N PHE B 187 -4.56 -20.71 -15.12
CA PHE B 187 -3.61 -20.29 -14.07
C PHE B 187 -3.96 -20.75 -12.69
N GLY B 188 -2.94 -21.05 -11.89
CA GLY B 188 -3.11 -21.20 -10.46
C GLY B 188 -3.18 -19.86 -9.77
N MET B 189 -2.44 -18.88 -10.28
CA MET B 189 -2.44 -17.55 -9.68
CA MET B 189 -2.45 -17.56 -9.69
C MET B 189 -1.97 -16.53 -10.69
N ILE B 190 -2.61 -15.37 -10.68
CA ILE B 190 -2.26 -14.23 -11.49
C ILE B 190 -2.07 -13.08 -10.51
N TYR B 191 -1.01 -12.29 -10.67
CA TYR B 191 -0.85 -11.09 -9.90
C TYR B 191 -0.48 -9.89 -10.74
N ALA B 192 -0.83 -8.71 -10.25
CA ALA B 192 -0.56 -7.48 -10.98
C ALA B 192 -0.56 -6.32 -10.02
N GLY B 193 0.50 -5.53 -9.98
CA GLY B 193 0.40 -4.21 -9.40
C GLY B 193 -0.63 -3.44 -10.18
N ALA B 194 -1.48 -2.68 -9.51
CA ALA B 194 -2.60 -2.02 -10.23
C ALA B 194 -2.18 -0.87 -11.15
N GLN B 195 -0.99 -0.32 -10.92
CA GLN B 195 -0.64 1.00 -11.46
C GLN B 195 -0.30 1.05 -12.95
N LYS B 196 -0.33 -0.07 -13.63
CA LYS B 196 -0.21 -0.04 -15.09
C LYS B 196 -1.55 0.08 -15.76
N ASN B 197 -2.45 -0.85 -15.46
CA ASN B 197 -3.67 -0.95 -16.20
C ASN B 197 -4.98 -0.98 -15.41
N LEU B 198 -4.91 -0.85 -14.08
CA LEU B 198 -6.08 -0.99 -13.23
C LEU B 198 -6.28 0.23 -12.33
N GLY B 199 -5.38 1.19 -12.37
CA GLY B 199 -5.58 2.37 -11.55
C GLY B 199 -4.32 2.82 -10.87
N PRO B 200 -4.39 3.12 -9.58
CA PRO B 200 -3.19 3.77 -9.08
C PRO B 200 -2.34 2.77 -8.33
N SER B 201 -1.21 3.24 -7.89
CA SER B 201 -0.30 2.43 -7.15
C SER B 201 -0.82 2.22 -5.74
N GLY B 202 -0.33 1.18 -5.10
CA GLY B 202 -0.60 0.93 -3.71
C GLY B 202 -1.50 -0.26 -3.46
N VAL B 203 -2.04 -0.85 -4.52
CA VAL B 203 -2.72 -2.13 -4.39
C VAL B 203 -2.21 -3.07 -5.48
N THR B 204 -2.13 -4.33 -5.13
CA THR B 204 -1.74 -5.41 -6.00
C THR B 204 -2.94 -6.38 -6.05
N VAL B 205 -3.37 -6.69 -7.25
CA VAL B 205 -4.49 -7.63 -7.45
C VAL B 205 -3.90 -9.02 -7.61
N VAL B 206 -4.42 -9.96 -6.83
CA VAL B 206 -3.99 -11.35 -6.88
C VAL B 206 -5.24 -12.21 -7.07
N ILE B 207 -5.31 -12.94 -8.19
CA ILE B 207 -6.45 -13.82 -8.48
C ILE B 207 -5.90 -15.23 -8.27
N VAL B 208 -6.49 -15.95 -7.33
CA VAL B 208 -5.91 -17.21 -6.91
CA VAL B 208 -5.92 -17.22 -6.90
C VAL B 208 -6.93 -18.35 -6.96
N LYS B 209 -6.48 -19.49 -7.41
CA LYS B 209 -7.27 -20.70 -7.29
C LYS B 209 -7.37 -21.02 -5.80
N LYS B 210 -8.59 -20.99 -5.24
CA LYS B 210 -8.72 -20.97 -3.79
C LYS B 210 -8.10 -22.18 -3.12
N ASP B 211 -8.36 -23.35 -3.66
CA ASP B 211 -7.83 -24.57 -3.05
C ASP B 211 -6.31 -24.75 -3.19
N LEU B 212 -5.67 -23.97 -4.04
CA LEU B 212 -4.23 -24.04 -4.16
C LEU B 212 -3.54 -23.41 -2.96
N LEU B 213 -4.11 -22.32 -2.47
CA LEU B 213 -3.39 -21.45 -1.54
C LEU B 213 -4.13 -21.16 -0.24
N ASN B 214 -5.26 -21.82 0.00
CA ASN B 214 -6.06 -21.51 1.19
C ASN B 214 -5.69 -22.25 2.47
N THR B 215 -4.59 -23.00 2.45
CA THR B 215 -4.10 -23.69 3.64
C THR B 215 -2.91 -22.94 4.27
N LYS B 216 -2.90 -22.85 5.60
CA LYS B 216 -1.80 -22.21 6.30
C LYS B 216 -0.51 -22.95 6.01
N VAL B 217 0.56 -22.19 5.82
CA VAL B 217 1.86 -22.76 5.54
C VAL B 217 2.69 -22.53 6.79
N GLU B 218 3.26 -23.62 7.29
CA GLU B 218 3.98 -23.60 8.55
C GLU B 218 5.18 -22.66 8.47
N GLN B 219 5.29 -21.84 9.50
CA GLN B 219 6.44 -20.97 9.72
C GLN B 219 6.43 -19.70 8.87
N VAL B 220 5.38 -19.49 8.08
CA VAL B 220 5.36 -18.27 7.27
C VAL B 220 4.67 -17.17 8.05
N PRO B 221 5.25 -15.96 8.05
CA PRO B 221 4.62 -14.86 8.78
C PRO B 221 3.18 -14.66 8.35
N THR B 222 2.35 -14.29 9.32
CA THR B 222 0.92 -14.16 9.10
C THR B 222 0.57 -13.30 7.85
N MET B 223 1.19 -12.14 7.73
CA MET B 223 0.91 -11.25 6.61
C MET B 223 1.33 -11.79 5.26
N LEU B 224 2.24 -12.76 5.28
CA LEU B 224 2.79 -13.31 4.04
C LEU B 224 2.19 -14.65 3.64
N GLN B 225 1.16 -15.09 4.35
CA GLN B 225 0.41 -16.28 3.96
C GLN B 225 -0.77 -15.88 3.09
N TYR B 226 -0.93 -16.49 1.92
CA TYR B 226 -2.15 -16.24 1.15
C TYR B 226 -3.39 -16.67 1.94
N ALA B 227 -3.28 -17.72 2.74
CA ALA B 227 -4.42 -18.17 3.50
C ALA B 227 -4.98 -17.10 4.42
N THR B 228 -4.13 -16.26 4.99
CA THR B 228 -4.58 -15.18 5.86
C THR B 228 -5.55 -14.28 5.10
N HIS B 229 -5.14 -13.90 3.90
CA HIS B 229 -5.91 -12.95 3.12
C HIS B 229 -7.15 -13.56 2.47
N ILE B 230 -7.04 -14.83 2.08
CA ILE B 230 -8.17 -15.55 1.56
C ILE B 230 -9.25 -15.65 2.62
N LYS B 231 -8.89 -16.10 3.82
CA LYS B 231 -9.86 -16.33 4.89
C LYS B 231 -10.53 -15.00 5.29
N SER B 232 -9.73 -13.94 5.27
CA SER B 232 -10.20 -12.63 5.71
CA SER B 232 -10.20 -12.63 5.72
C SER B 232 -10.77 -11.75 4.59
N ASP B 233 -10.85 -12.27 3.37
CA ASP B 233 -11.35 -11.51 2.23
C ASP B 233 -10.58 -10.20 2.05
N SER B 234 -9.25 -10.27 2.16
CA SER B 234 -8.38 -9.09 2.04
C SER B 234 -8.69 -7.99 3.01
N LEU B 235 -9.23 -8.36 4.18
CA LEU B 235 -9.52 -7.44 5.27
C LEU B 235 -8.85 -7.94 6.56
N TYR B 236 -7.72 -8.65 6.45
CA TYR B 236 -7.02 -9.07 7.63
C TYR B 236 -6.48 -7.87 8.39
N ASN B 237 -5.73 -7.04 7.67
CA ASN B 237 -5.30 -5.75 8.20
C ASN B 237 -5.92 -4.64 7.35
N THR B 238 -5.52 -3.40 7.57
CA THR B 238 -6.18 -2.28 6.90
C THR B 238 -5.77 -2.27 5.42
N PRO B 239 -6.72 -2.38 4.51
CA PRO B 239 -6.37 -2.37 3.09
C PRO B 239 -6.10 -0.97 2.61
N PRO B 240 -5.55 -0.82 1.40
CA PRO B 240 -5.34 0.48 0.76
C PRO B 240 -6.65 0.96 0.17
N THR B 241 -7.46 1.56 1.03
CA THR B 241 -8.86 1.77 0.69
C THR B 241 -9.07 2.69 -0.50
N PHE B 242 -8.33 3.79 -0.58
CA PHE B 242 -8.47 4.67 -1.72
C PHE B 242 -8.01 4.04 -3.02
N SER B 243 -6.92 3.27 -2.96
CA SER B 243 -6.48 2.59 -4.16
C SER B 243 -7.55 1.62 -4.63
N ILE B 244 -8.21 0.93 -3.71
CA ILE B 244 -9.23 -0.05 -4.11
C ILE B 244 -10.45 0.68 -4.69
N TYR B 245 -10.79 1.81 -4.09
CA TYR B 245 -11.85 2.67 -4.64
C TYR B 245 -11.50 3.09 -6.07
N MET B 246 -10.27 3.56 -6.29
CA MET B 246 -9.90 3.96 -7.63
C MET B 246 -9.92 2.81 -8.63
N LEU B 247 -9.48 1.64 -8.18
CA LEU B 247 -9.56 0.42 -8.98
C LEU B 247 -11.02 0.20 -9.38
N ARG B 248 -11.94 0.31 -8.42
CA ARG B 248 -13.36 0.17 -8.75
C ARG B 248 -13.75 1.13 -9.89
N ASN B 249 -13.34 2.39 -9.75
CA ASN B 249 -13.69 3.38 -10.76
C ASN B 249 -13.13 3.02 -12.14
N VAL B 250 -11.90 2.55 -12.18
CA VAL B 250 -11.31 2.19 -13.45
C VAL B 250 -12.05 0.97 -14.05
N LEU B 251 -12.37 -0.01 -13.23
CA LEU B 251 -13.07 -1.21 -13.73
C LEU B 251 -14.46 -0.81 -14.27
N ASP B 252 -15.12 0.13 -13.61
CA ASP B 252 -16.42 0.61 -14.14
C ASP B 252 -16.26 1.26 -15.52
N TRP B 253 -15.18 2.03 -15.72
CA TRP B 253 -14.88 2.61 -17.01
C TRP B 253 -14.68 1.51 -18.06
N ILE B 254 -13.94 0.46 -17.73
CA ILE B 254 -13.74 -0.64 -18.66
C ILE B 254 -15.09 -1.27 -19.02
N LYS B 255 -15.88 -1.54 -18.00
CA LYS B 255 -17.23 -2.09 -18.21
C LYS B 255 -18.07 -1.21 -19.13
N ASP B 256 -18.04 0.09 -18.89
CA ASP B 256 -18.86 1.04 -19.65
C ASP B 256 -18.48 1.07 -21.13
N LEU B 257 -17.21 0.88 -21.47
CA LEU B 257 -16.84 0.94 -22.88
C LEU B 257 -17.01 -0.39 -23.59
N GLY B 258 -17.47 -1.40 -22.87
CA GLY B 258 -17.76 -2.70 -23.47
C GLY B 258 -16.92 -3.85 -23.03
N GLY B 259 -16.07 -3.66 -22.01
CA GLY B 259 -15.35 -4.76 -21.45
C GLY B 259 -14.07 -5.15 -22.17
N ALA B 260 -13.59 -6.34 -21.86
CA ALA B 260 -12.24 -6.75 -22.27
C ALA B 260 -12.08 -6.86 -23.78
N GLU B 261 -13.12 -7.31 -24.49
CA GLU B 261 -13.01 -7.38 -25.95
C GLU B 261 -12.94 -6.00 -26.57
N ALA B 262 -13.73 -5.07 -26.05
CA ALA B 262 -13.74 -3.73 -26.58
C ALA B 262 -12.38 -3.06 -26.34
N ILE B 263 -11.84 -3.28 -25.15
CA ILE B 263 -10.57 -2.66 -24.80
C ILE B 263 -9.45 -3.27 -25.65
N ALA B 264 -9.52 -4.56 -25.92
CA ALA B 264 -8.53 -5.19 -26.76
C ALA B 264 -8.53 -4.59 -28.16
N LYS B 265 -9.73 -4.34 -28.69
CA LYS B 265 -9.83 -3.78 -30.02
C LYS B 265 -9.14 -2.40 -30.06
N GLN B 266 -9.42 -1.58 -29.04
CA GLN B 266 -8.80 -0.26 -28.95
C GLN B 266 -7.29 -0.39 -28.81
N ASN B 267 -6.85 -1.36 -28.03
CA ASN B 267 -5.40 -1.51 -27.82
C ASN B 267 -4.69 -1.96 -29.09
N GLU B 268 -5.33 -2.85 -29.84
CA GLU B 268 -4.75 -3.27 -31.09
C GLU B 268 -4.66 -2.11 -32.06
N GLU B 269 -5.70 -1.27 -32.10
CA GLU B 269 -5.70 -0.15 -33.02
C GLU B 269 -4.61 0.87 -32.73
N LYS B 270 -4.42 1.18 -31.46
CA LYS B 270 -3.48 2.21 -31.13
C LYS B 270 -2.03 1.70 -31.20
N ALA B 271 -1.79 0.42 -30.92
CA ALA B 271 -0.46 -0.17 -31.09
C ALA B 271 -0.06 -0.14 -32.56
N LYS B 272 -1.01 -0.45 -33.44
CA LYS B 272 -0.71 -0.46 -34.87
C LYS B 272 -0.17 0.86 -35.37
N ILE B 273 -0.71 1.95 -34.85
CA ILE B 273 -0.24 3.28 -35.22
CA ILE B 273 -0.24 3.28 -35.24
C ILE B 273 1.26 3.43 -34.97
N ILE B 274 1.72 2.96 -33.83
CA ILE B 274 3.13 3.10 -33.51
C ILE B 274 4.01 2.08 -34.24
N TYR B 275 3.57 0.83 -34.27
CA TYR B 275 4.36 -0.19 -34.95
C TYR B 275 4.44 0.09 -36.45
N ASP B 276 3.37 0.57 -37.07
CA ASP B 276 3.46 0.85 -38.50
C ASP B 276 4.48 1.94 -38.76
N THR B 277 4.56 2.89 -37.83
CA THR B 277 5.50 4.01 -37.95
C THR B 277 6.92 3.49 -37.88
N ILE B 278 7.17 2.61 -36.94
CA ILE B 278 8.48 1.94 -36.87
C ILE B 278 8.78 1.17 -38.18
N ASP B 279 7.83 0.35 -38.61
CA ASP B 279 8.07 -0.55 -39.73
C ASP B 279 8.27 0.18 -41.06
N GLU B 280 7.64 1.33 -41.23
CA GLU B 280 7.75 2.07 -42.48
CA GLU B 280 7.75 2.08 -42.48
C GLU B 280 8.94 3.05 -42.49
N SER B 281 9.75 3.04 -41.41
CA SER B 281 10.80 4.04 -41.25
C SER B 281 12.14 3.72 -41.95
N ASN B 282 12.16 2.65 -42.72
CA ASN B 282 13.37 2.24 -43.44
C ASN B 282 14.55 2.13 -42.48
N GLY B 283 14.29 1.58 -41.29
CA GLY B 283 15.32 1.29 -40.30
C GLY B 283 15.71 2.43 -39.40
N PHE B 284 15.09 3.59 -39.57
CA PHE B 284 15.43 4.76 -38.79
C PHE B 284 15.01 4.55 -37.32
N TYR B 285 13.85 3.91 -37.12
CA TYR B 285 13.43 3.41 -35.83
C TYR B 285 13.42 1.91 -35.89
N VAL B 286 13.98 1.25 -34.88
CA VAL B 286 14.02 -0.18 -34.86
C VAL B 286 13.42 -0.68 -33.56
N GLY B 287 12.43 -1.53 -33.67
CA GLY B 287 11.82 -2.09 -32.50
C GLY B 287 12.69 -3.14 -31.89
N HIS B 288 12.70 -3.20 -30.57
CA HIS B 288 13.45 -4.24 -29.90
C HIS B 288 12.85 -5.63 -30.11
N ALA B 289 11.52 -5.72 -30.01
CA ALA B 289 10.84 -7.01 -30.04
C ALA B 289 10.82 -7.58 -31.46
N GLU B 290 10.97 -8.91 -31.54
CA GLU B 290 10.60 -9.60 -32.78
C GLU B 290 9.13 -9.35 -33.04
N LYS B 291 8.76 -9.24 -34.30
CA LYS B 291 7.38 -8.87 -34.62
C LYS B 291 6.35 -9.78 -33.98
N GLY B 292 6.61 -11.08 -33.98
CA GLY B 292 5.67 -12.04 -33.43
C GLY B 292 5.54 -12.06 -31.92
N SER B 293 6.37 -11.27 -31.24
CA SER B 293 6.34 -11.18 -29.79
C SER B 293 6.04 -9.78 -29.32
N ARG B 294 5.64 -8.90 -30.22
CA ARG B 294 5.41 -7.51 -29.87
C ARG B 294 4.34 -7.30 -28.82
N SER B 295 4.67 -6.49 -27.83
CA SER B 295 3.70 -6.10 -26.82
C SER B 295 2.70 -5.06 -27.37
N LEU B 296 1.44 -5.20 -26.97
CA LEU B 296 0.44 -4.16 -27.25
C LEU B 296 0.40 -3.11 -26.17
N MET B 297 1.16 -3.33 -25.08
CA MET B 297 1.19 -2.44 -23.92
C MET B 297 2.42 -1.53 -23.81
N ASN B 298 3.58 -2.03 -24.23
CA ASN B 298 4.81 -1.26 -24.13
C ASN B 298 5.57 -1.43 -25.43
N VAL B 299 5.73 -0.35 -26.18
CA VAL B 299 6.44 -0.40 -27.44
C VAL B 299 7.86 0.10 -27.27
N THR B 300 8.82 -0.78 -27.45
CA THR B 300 10.23 -0.44 -27.22
C THR B 300 10.98 -0.30 -28.52
N PHE B 301 11.79 0.74 -28.62
CA PHE B 301 12.50 0.97 -29.87
C PHE B 301 13.69 1.87 -29.62
N ASN B 302 14.58 1.85 -30.61
CA ASN B 302 15.79 2.68 -30.61
C ASN B 302 15.95 3.30 -31.97
N LEU B 303 16.62 4.45 -31.99
CA LEU B 303 17.12 5.01 -33.22
C LEU B 303 18.50 4.38 -33.52
N ARG B 304 19.17 4.79 -34.58
CA ARG B 304 20.31 4.03 -35.06
C ARG B 304 21.53 4.08 -34.14
N ASN B 305 21.61 5.12 -33.32
CA ASN B 305 22.68 5.21 -32.35
C ASN B 305 22.27 6.12 -31.21
N GLU B 306 23.12 6.24 -30.21
CA GLU B 306 22.72 6.91 -28.98
C GLU B 306 22.62 8.41 -29.13
N GLU B 307 23.35 9.01 -30.07
CA GLU B 307 23.20 10.44 -30.31
C GLU B 307 21.79 10.72 -30.82
N LEU B 308 21.34 9.91 -31.78
CA LEU B 308 19.99 10.11 -32.29
C LEU B 308 18.93 9.81 -31.23
N ASN B 309 19.14 8.77 -30.44
CA ASN B 309 18.19 8.48 -29.33
C ASN B 309 18.06 9.71 -28.45
N GLN B 310 19.18 10.31 -28.06
CA GLN B 310 19.10 11.47 -27.21
C GLN B 310 18.38 12.63 -27.84
N GLN B 311 18.71 12.91 -29.10
CA GLN B 311 18.04 14.00 -29.83
C GLN B 311 16.52 13.80 -29.89
N PHE B 312 16.12 12.58 -30.22
CA PHE B 312 14.70 12.26 -30.31
C PHE B 312 14.01 12.45 -28.96
N LEU B 313 14.57 11.90 -27.90
CA LEU B 313 13.96 12.00 -26.61
C LEU B 313 13.92 13.43 -26.09
N ALA B 314 14.94 14.23 -26.43
CA ALA B 314 14.90 15.64 -26.04
C ALA B 314 13.79 16.38 -26.77
N LYS B 315 13.64 16.13 -28.07
CA LYS B 315 12.55 16.72 -28.84
C LYS B 315 11.20 16.29 -28.26
N ALA B 316 11.06 15.02 -27.96
CA ALA B 316 9.82 14.53 -27.39
C ALA B 316 9.46 15.29 -26.11
N LYS B 317 10.44 15.48 -25.23
CA LYS B 317 10.19 16.18 -24.00
C LYS B 317 9.74 17.62 -24.28
N GLU B 318 10.42 18.28 -25.21
CA GLU B 318 10.11 19.65 -25.59
C GLU B 318 8.67 19.78 -26.09
N GLN B 319 8.19 18.73 -26.77
CA GLN B 319 6.86 18.71 -27.37
C GLN B 319 5.77 18.15 -26.45
N GLY B 320 6.11 17.93 -25.18
CA GLY B 320 5.10 17.58 -24.21
C GLY B 320 4.89 16.10 -23.95
N PHE B 321 5.75 15.26 -24.51
CA PHE B 321 5.64 13.83 -24.30
C PHE B 321 6.31 13.50 -22.97
N VAL B 322 5.60 12.72 -22.16
CA VAL B 322 6.08 12.31 -20.84
C VAL B 322 6.28 10.82 -20.79
N GLY B 323 7.43 10.39 -20.25
CA GLY B 323 7.67 8.99 -20.00
C GLY B 323 8.23 8.13 -21.13
N LEU B 324 8.63 8.75 -22.24
N LEU B 324 8.66 8.78 -22.19
CA LEU B 324 9.12 7.97 -23.39
CA LEU B 324 9.06 8.07 -23.37
C LEU B 324 10.51 7.41 -23.24
C LEU B 324 10.50 7.53 -23.32
N ASN B 325 11.31 7.94 -22.35
CA ASN B 325 12.63 7.36 -22.16
C ASN B 325 12.45 5.90 -21.78
N GLY B 326 13.27 5.01 -22.33
CA GLY B 326 13.28 3.62 -21.91
C GLY B 326 13.55 3.47 -20.43
N HIS B 327 13.18 2.32 -19.89
CA HIS B 327 13.55 2.03 -18.50
C HIS B 327 15.06 2.18 -18.36
N ARG B 328 15.49 2.72 -17.22
CA ARG B 328 16.92 3.02 -16.99
C ARG B 328 17.84 1.82 -17.16
N SER B 329 17.33 0.61 -16.99
CA SER B 329 18.12 -0.61 -17.15
C SER B 329 18.49 -0.93 -18.61
N VAL B 330 17.77 -0.37 -19.57
CA VAL B 330 18.00 -0.72 -20.99
C VAL B 330 18.09 0.49 -21.94
N GLY B 331 17.65 1.65 -21.50
CA GLY B 331 17.72 2.83 -22.34
C GLY B 331 16.80 2.73 -23.53
N GLY B 332 17.20 3.34 -24.65
CA GLY B 332 16.30 3.47 -25.78
C GLY B 332 15.03 4.21 -25.43
N CYS B 333 13.94 3.86 -26.13
CA CYS B 333 12.65 4.52 -25.99
C CYS B 333 11.61 3.47 -25.63
N ARG B 334 10.61 3.90 -24.90
CA ARG B 334 9.49 3.03 -24.55
C ARG B 334 8.22 3.83 -24.49
N ALA B 335 7.29 3.52 -25.40
CA ALA B 335 5.98 4.13 -25.39
C ALA B 335 5.04 3.17 -24.72
N SER B 336 4.66 3.50 -23.48
CA SER B 336 3.69 2.69 -22.75
C SER B 336 2.30 3.15 -23.12
N ILE B 337 1.51 2.16 -23.59
CA ILE B 337 0.22 2.42 -24.22
C ILE B 337 -0.82 1.51 -23.61
N TYR B 338 -0.94 1.60 -22.30
CA TYR B 338 -1.95 0.89 -21.53
C TYR B 338 -3.39 1.31 -21.93
N ASN B 339 -4.37 0.61 -21.37
CA ASN B 339 -5.77 0.79 -21.75
C ASN B 339 -6.18 2.26 -21.86
N ALA B 340 -5.80 3.03 -20.86
CA ALA B 340 -6.27 4.40 -20.76
C ALA B 340 -5.48 5.41 -21.56
N VAL B 341 -4.38 5.00 -22.21
CA VAL B 341 -3.64 5.96 -23.03
C VAL B 341 -4.46 6.20 -24.29
N PRO B 342 -4.81 7.46 -24.60
CA PRO B 342 -5.73 7.68 -25.72
C PRO B 342 -5.09 7.47 -27.09
N ILE B 343 -5.90 7.04 -28.05
CA ILE B 343 -5.38 6.87 -29.41
C ILE B 343 -4.80 8.20 -29.93
N ASP B 344 -5.40 9.33 -29.58
CA ASP B 344 -4.82 10.60 -30.06
C ASP B 344 -3.39 10.83 -29.58
N ALA B 345 -3.01 10.31 -28.41
CA ALA B 345 -1.61 10.40 -27.99
C ALA B 345 -0.67 9.53 -28.85
N CYS B 346 -1.16 8.35 -29.21
CA CYS B 346 -0.42 7.47 -30.12
C CYS B 346 -0.26 8.14 -31.47
N ILE B 347 -1.33 8.78 -31.96
CA ILE B 347 -1.21 9.51 -33.21
C ILE B 347 -0.21 10.64 -33.08
N ALA B 348 -0.22 11.36 -31.96
CA ALA B 348 0.72 12.45 -31.79
C ALA B 348 2.14 11.91 -31.78
N LEU B 349 2.34 10.76 -31.16
CA LEU B 349 3.65 10.17 -31.16
C LEU B 349 4.09 9.81 -32.58
N ARG B 350 3.20 9.19 -33.36
CA ARG B 350 3.52 8.93 -34.75
C ARG B 350 4.00 10.21 -35.44
N GLU B 351 3.23 11.27 -35.26
CA GLU B 351 3.55 12.49 -35.96
C GLU B 351 4.88 13.07 -35.54
N LEU B 352 5.19 12.96 -34.25
CA LEU B 352 6.48 13.36 -33.73
C LEU B 352 7.60 12.57 -34.37
N MET B 353 7.40 11.27 -34.48
CA MET B 353 8.42 10.39 -35.04
C MET B 353 8.67 10.68 -36.51
N ILE B 354 7.60 10.91 -37.26
CA ILE B 354 7.73 11.19 -38.68
C ILE B 354 8.45 12.52 -38.86
N GLN B 355 8.05 13.52 -38.08
CA GLN B 355 8.69 14.84 -38.23
C GLN B 355 10.16 14.78 -37.83
N PHE B 356 10.46 14.04 -36.77
CA PHE B 356 11.84 13.98 -36.32
C PHE B 356 12.73 13.35 -37.38
N LYS B 357 12.28 12.27 -37.99
CA LYS B 357 13.06 11.62 -39.04
C LYS B 357 13.27 12.58 -40.22
N GLU B 358 12.22 13.30 -40.57
CA GLU B 358 12.28 14.23 -41.71
C GLU B 358 13.34 15.30 -41.45
N ASN B 359 13.42 15.76 -40.20
CA ASN B 359 14.37 16.81 -39.86
C ASN B 359 15.77 16.33 -39.53
N ALA B 360 15.97 15.01 -39.51
CA ALA B 360 17.28 14.47 -39.20
C ALA B 360 18.20 14.51 -40.43
#